data_3E9B
#
_entry.id   3E9B
#
_cell.length_a   87.505
_cell.length_b   87.505
_cell.length_c   100.696
_cell.angle_alpha   90.00
_cell.angle_beta   90.00
_cell.angle_gamma   120.00
#
_symmetry.space_group_name_H-M   'P 32'
#
loop_
_entity.id
_entity.type
_entity.pdbx_description
1 polymer Arginase-1
2 non-polymer 'MANGANESE (II) ION'
3 non-polymer S-2-(BORONOETHYL)-L-CYSTEINE
4 water water
#
_entity_poly.entity_id   1
_entity_poly.type   'polypeptide(L)'
_entity_poly.pdbx_seq_one_letter_code
;MSSKPKPIEIIGAPFSKGQPRGGVEKGPAALRKAGLVEKLKETEYNVRDHGDLAFVDVPNDSPFQIVKNPRSVGKANEQL
AAVVAETQKNGTISVVLGGDHSMAIGSISGHARVHPDLCVIWVDAHTDINTPLTASSGNLHGQPVAFLLKELKGKFPDVP
GFSWVTPCISAKDIVYIGLRDVDPGEHYIIKTLGIKYFSMTEVDKLGIGKVMEETFSYLLGRKKRPIHLSFDVDGLDPVF
TPATGTPVVGGLSYREGLYITEEIYKTGLLSGLDIMEVNPTLGKTPEEVTRTVNTAVALTLSCFGTKREGNHKPETDYLK
PPK
;
_entity_poly.pdbx_strand_id   A,B,C
#
loop_
_chem_comp.id
_chem_comp.type
_chem_comp.name
_chem_comp.formula
MN non-polymer 'MANGANESE (II) ION' 'Mn 2'
#
# COMPACT_ATOMS: atom_id res chain seq x y z
N LYS A 6 -35.29 9.77 -2.62
CA LYS A 6 -34.35 9.84 -3.78
C LYS A 6 -33.85 8.44 -4.16
N PRO A 7 -34.50 7.79 -5.12
CA PRO A 7 -34.09 6.46 -5.55
C PRO A 7 -32.89 6.42 -6.48
N ILE A 8 -32.46 5.19 -6.79
CA ILE A 8 -31.33 4.95 -7.68
C ILE A 8 -31.86 4.39 -9.01
N GLU A 9 -31.23 4.77 -10.11
CA GLU A 9 -31.63 4.29 -11.42
C GLU A 9 -30.41 3.70 -12.10
N ILE A 10 -30.31 2.38 -12.16
CA ILE A 10 -29.17 1.73 -12.80
C ILE A 10 -29.36 1.79 -14.31
N ILE A 11 -28.33 2.23 -15.02
CA ILE A 11 -28.41 2.31 -16.48
C ILE A 11 -27.20 1.66 -17.14
N GLY A 12 -27.45 0.59 -17.89
CA GLY A 12 -26.38 -0.10 -18.56
C GLY A 12 -26.01 0.54 -19.89
N ALA A 13 -24.71 0.61 -20.17
CA ALA A 13 -24.22 1.19 -21.41
C ALA A 13 -23.14 0.28 -21.98
N PRO A 14 -23.54 -0.90 -22.49
CA PRO A 14 -22.61 -1.88 -23.09
C PRO A 14 -22.09 -1.37 -24.43
N PHE A 15 -21.20 -0.39 -24.37
CA PHE A 15 -20.63 0.24 -25.56
C PHE A 15 -19.09 0.24 -25.48
N SER A 16 -18.43 0.03 -26.62
CA SER A 16 -16.98 0.01 -26.65
C SER A 16 -16.34 0.82 -27.78
N LYS A 17 -17.15 1.30 -28.72
CA LYS A 17 -16.63 2.07 -29.85
C LYS A 17 -15.76 3.25 -29.44
N GLY A 18 -15.76 3.58 -28.16
CA GLY A 18 -14.96 4.70 -27.70
C GLY A 18 -13.49 4.34 -27.71
N GLN A 19 -13.22 3.04 -27.80
CA GLN A 19 -11.85 2.54 -27.84
C GLN A 19 -11.69 1.25 -28.65
N PRO A 20 -10.44 0.77 -28.82
CA PRO A 20 -10.18 -0.46 -29.58
C PRO A 20 -10.20 -1.81 -28.88
N ARG A 21 -9.70 -1.89 -27.65
CA ARG A 21 -9.58 -3.14 -26.90
C ARG A 21 -10.73 -4.15 -26.84
N GLY A 22 -10.39 -5.30 -26.25
CA GLY A 22 -11.30 -6.42 -26.08
C GLY A 22 -12.79 -6.17 -26.04
N GLY A 23 -13.39 -6.43 -24.89
CA GLY A 23 -14.83 -6.25 -24.74
C GLY A 23 -15.31 -5.49 -23.51
N VAL A 24 -15.07 -4.19 -23.50
CA VAL A 24 -15.54 -3.38 -22.38
C VAL A 24 -17.06 -3.36 -22.36
N GLU A 25 -17.71 -3.67 -23.49
CA GLU A 25 -19.17 -3.70 -23.54
C GLU A 25 -19.77 -4.79 -22.67
N LYS A 26 -18.92 -5.72 -22.21
CA LYS A 26 -19.37 -6.82 -21.34
C LYS A 26 -19.37 -6.38 -19.89
N GLY A 27 -18.85 -5.17 -19.66
CA GLY A 27 -18.79 -4.60 -18.32
C GLY A 27 -20.11 -4.61 -17.57
N PRO A 28 -21.20 -4.14 -18.19
CA PRO A 28 -22.49 -4.13 -17.50
C PRO A 28 -22.95 -5.53 -17.07
N ALA A 29 -22.75 -6.52 -17.93
CA ALA A 29 -23.16 -7.89 -17.60
C ALA A 29 -22.28 -8.44 -16.50
N ALA A 30 -20.99 -8.14 -16.56
CA ALA A 30 -20.06 -8.60 -15.54
C ALA A 30 -20.45 -8.05 -14.17
N LEU A 31 -20.84 -6.77 -14.13
CA LEU A 31 -21.22 -6.12 -12.88
C LEU A 31 -22.52 -6.65 -12.28
N ARG A 32 -23.53 -6.87 -13.11
CA ARG A 32 -24.81 -7.36 -12.61
C ARG A 32 -24.66 -8.81 -12.15
N LYS A 33 -23.72 -9.52 -12.76
CA LYS A 33 -23.43 -10.91 -12.45
C LYS A 33 -23.08 -11.06 -10.96
N ALA A 34 -22.37 -10.06 -10.45
CA ALA A 34 -21.95 -10.05 -9.05
C ALA A 34 -23.10 -9.70 -8.12
N GLY A 35 -24.27 -9.41 -8.71
CA GLY A 35 -25.44 -9.07 -7.91
C GLY A 35 -25.48 -7.61 -7.49
N LEU A 36 -24.85 -6.74 -8.27
CA LEU A 36 -24.83 -5.32 -7.94
C LEU A 36 -26.21 -4.73 -7.66
N VAL A 37 -27.19 -5.02 -8.51
CA VAL A 37 -28.54 -4.49 -8.33
C VAL A 37 -29.18 -4.98 -7.01
N GLU A 38 -29.22 -6.29 -6.79
CA GLU A 38 -29.80 -6.83 -5.56
C GLU A 38 -29.05 -6.34 -4.31
N LYS A 39 -27.74 -6.15 -4.43
CA LYS A 39 -26.95 -5.67 -3.30
C LYS A 39 -27.31 -4.22 -3.00
N LEU A 40 -27.48 -3.41 -4.04
CA LEU A 40 -27.84 -2.00 -3.86
C LEU A 40 -29.18 -1.88 -3.13
N LYS A 41 -30.11 -2.77 -3.46
CA LYS A 41 -31.43 -2.76 -2.85
C LYS A 41 -31.36 -3.00 -1.35
N GLU A 42 -30.20 -3.45 -0.87
CA GLU A 42 -30.00 -3.73 0.56
C GLU A 42 -29.66 -2.47 1.33
N THR A 43 -29.36 -1.38 0.63
CA THR A 43 -29.03 -0.12 1.29
C THR A 43 -30.34 0.58 1.63
N GLU A 44 -30.27 1.85 2.02
CA GLU A 44 -31.49 2.57 2.36
C GLU A 44 -32.10 3.21 1.11
N TYR A 45 -31.52 2.91 -0.04
CA TYR A 45 -32.02 3.45 -1.30
C TYR A 45 -32.90 2.47 -2.06
N ASN A 46 -33.92 2.98 -2.73
CA ASN A 46 -34.75 2.12 -3.53
C ASN A 46 -33.97 2.07 -4.84
N VAL A 47 -34.08 0.98 -5.57
CA VAL A 47 -33.33 0.86 -6.81
C VAL A 47 -34.16 0.34 -7.95
N ARG A 48 -33.94 0.89 -9.13
CA ARG A 48 -34.64 0.46 -10.33
C ARG A 48 -33.63 0.24 -11.45
N ASP A 49 -33.65 -0.94 -12.06
CA ASP A 49 -32.73 -1.25 -13.13
C ASP A 49 -33.43 -0.90 -14.44
N HIS A 50 -32.89 0.08 -15.13
CA HIS A 50 -33.46 0.54 -16.40
C HIS A 50 -33.12 -0.46 -17.50
N GLY A 51 -32.09 -1.28 -17.26
CA GLY A 51 -31.67 -2.25 -18.24
C GLY A 51 -30.53 -1.63 -19.04
N ASP A 52 -30.07 -2.32 -20.07
CA ASP A 52 -28.99 -1.77 -20.91
C ASP A 52 -29.55 -1.11 -22.14
N LEU A 53 -28.91 -0.02 -22.56
CA LEU A 53 -29.36 0.64 -23.77
C LEU A 53 -29.02 -0.22 -24.97
N ALA A 54 -29.70 0.03 -26.08
CA ALA A 54 -29.45 -0.72 -27.30
C ALA A 54 -28.80 0.23 -28.30
N PHE A 55 -27.53 -0.01 -28.62
CA PHE A 55 -26.82 0.85 -29.55
C PHE A 55 -26.76 0.25 -30.95
N VAL A 56 -26.96 1.10 -31.95
CA VAL A 56 -26.90 0.68 -33.35
C VAL A 56 -25.89 1.58 -34.03
N ASP A 57 -24.89 0.98 -34.67
CA ASP A 57 -23.84 1.74 -35.35
C ASP A 57 -24.33 2.58 -36.53
N VAL A 58 -23.60 3.65 -36.81
CA VAL A 58 -23.89 4.52 -37.94
C VAL A 58 -23.07 3.91 -39.08
N PRO A 59 -23.74 3.33 -40.08
CA PRO A 59 -23.10 2.69 -41.24
C PRO A 59 -21.73 3.21 -41.67
N ASN A 60 -21.69 4.11 -42.65
CA ASN A 60 -20.42 4.63 -43.14
C ASN A 60 -19.76 5.57 -42.13
N ASP A 61 -19.33 5.01 -41.00
CA ASP A 61 -18.72 5.79 -39.93
C ASP A 61 -17.21 5.89 -40.12
N SER A 62 -16.80 6.55 -41.18
CA SER A 62 -15.39 6.73 -41.49
C SER A 62 -14.78 7.73 -40.52
N PRO A 63 -13.49 7.55 -40.19
CA PRO A 63 -12.74 8.42 -39.28
C PRO A 63 -12.76 9.89 -39.68
N PHE A 64 -13.02 10.75 -38.71
CA PHE A 64 -13.02 12.18 -38.94
C PHE A 64 -11.64 12.60 -38.47
N GLN A 65 -10.70 12.71 -39.39
CA GLN A 65 -9.31 13.04 -39.08
C GLN A 65 -8.75 11.81 -38.36
N ILE A 66 -8.27 11.97 -37.14
CA ILE A 66 -7.73 10.84 -36.40
C ILE A 66 -8.82 10.20 -35.52
N VAL A 67 -9.94 10.90 -35.39
CA VAL A 67 -11.08 10.45 -34.60
C VAL A 67 -11.85 9.25 -35.21
N LYS A 68 -11.87 8.12 -34.50
CA LYS A 68 -12.54 6.92 -34.98
C LYS A 68 -13.97 6.78 -34.45
N ASN A 69 -14.82 6.13 -35.24
CA ASN A 69 -16.23 5.90 -34.88
C ASN A 69 -16.87 7.17 -34.32
N PRO A 70 -16.74 8.30 -35.04
CA PRO A 70 -17.32 9.56 -34.58
C PRO A 70 -18.83 9.53 -34.42
N ARG A 71 -19.51 9.23 -35.52
CA ARG A 71 -20.97 9.19 -35.55
C ARG A 71 -21.57 8.16 -34.60
N SER A 72 -20.98 6.98 -34.53
CA SER A 72 -21.48 5.93 -33.63
C SER A 72 -21.38 6.35 -32.16
N VAL A 73 -20.21 6.85 -31.77
CA VAL A 73 -19.99 7.28 -30.38
C VAL A 73 -20.90 8.44 -30.05
N GLY A 74 -21.08 9.33 -31.01
CA GLY A 74 -21.94 10.47 -30.80
C GLY A 74 -23.40 10.06 -30.72
N LYS A 75 -23.77 9.03 -31.48
CA LYS A 75 -25.15 8.54 -31.50
C LYS A 75 -25.50 7.87 -30.17
N ALA A 76 -24.61 7.01 -29.69
CA ALA A 76 -24.84 6.34 -28.43
C ALA A 76 -24.96 7.36 -27.29
N ASN A 77 -24.01 8.27 -27.21
CA ASN A 77 -24.00 9.29 -26.16
C ASN A 77 -25.23 10.20 -26.20
N GLU A 78 -25.70 10.51 -27.40
CA GLU A 78 -26.88 11.34 -27.51
C GLU A 78 -28.04 10.61 -26.86
N GLN A 79 -28.12 9.30 -27.11
CA GLN A 79 -29.19 8.47 -26.53
C GLN A 79 -29.07 8.42 -25.02
N LEU A 80 -27.84 8.29 -24.53
CA LEU A 80 -27.60 8.20 -23.09
C LEU A 80 -27.95 9.49 -22.38
N ALA A 81 -27.69 10.62 -23.02
CA ALA A 81 -27.98 11.91 -22.42
C ALA A 81 -29.48 12.09 -22.24
N ALA A 82 -30.25 11.60 -23.20
CA ALA A 82 -31.72 11.71 -23.12
C ALA A 82 -32.23 10.83 -21.98
N VAL A 83 -31.66 9.64 -21.83
CA VAL A 83 -32.05 8.70 -20.79
C VAL A 83 -31.67 9.18 -19.38
N VAL A 84 -30.44 9.66 -19.24
CA VAL A 84 -29.97 10.16 -17.96
C VAL A 84 -30.75 11.43 -17.61
N ALA A 85 -30.98 12.26 -18.61
CA ALA A 85 -31.72 13.50 -18.39
C ALA A 85 -33.10 13.17 -17.83
N GLU A 86 -33.74 12.19 -18.45
CA GLU A 86 -35.07 11.78 -18.05
C GLU A 86 -35.16 11.22 -16.63
N THR A 87 -34.18 10.43 -16.21
CA THR A 87 -34.21 9.88 -14.86
C THR A 87 -33.78 10.94 -13.85
N GLN A 88 -33.02 11.92 -14.30
CA GLN A 88 -32.57 13.01 -13.45
C GLN A 88 -33.76 13.88 -13.09
N LYS A 89 -34.53 14.29 -14.11
CA LYS A 89 -35.71 15.11 -13.91
C LYS A 89 -36.67 14.42 -12.94
N ASN A 90 -36.72 13.09 -13.00
CA ASN A 90 -37.60 12.33 -12.12
C ASN A 90 -37.11 12.28 -10.68
N GLY A 91 -36.00 12.94 -10.40
CA GLY A 91 -35.47 12.98 -9.07
C GLY A 91 -34.74 11.72 -8.60
N THR A 92 -34.04 11.05 -9.51
CA THR A 92 -33.31 9.86 -9.13
C THR A 92 -31.81 10.04 -9.29
N ILE A 93 -31.06 9.11 -8.71
CA ILE A 93 -29.62 9.11 -8.81
C ILE A 93 -29.27 8.12 -9.91
N SER A 94 -28.85 8.64 -11.05
CA SER A 94 -28.50 7.78 -12.18
C SER A 94 -27.14 7.12 -11.94
N VAL A 95 -27.05 5.84 -12.26
CA VAL A 95 -25.83 5.05 -12.13
C VAL A 95 -25.62 4.35 -13.46
N VAL A 96 -24.62 4.80 -14.21
CA VAL A 96 -24.31 4.22 -15.51
C VAL A 96 -23.27 3.10 -15.40
N LEU A 97 -23.67 1.87 -15.73
CA LEU A 97 -22.73 0.75 -15.68
C LEU A 97 -22.08 0.87 -17.03
N GLY A 98 -20.80 1.17 -17.03
CA GLY A 98 -20.18 1.48 -18.28
C GLY A 98 -19.47 0.43 -19.13
N GLY A 99 -19.22 0.98 -20.29
CA GLY A 99 -18.44 0.40 -21.35
C GLY A 99 -17.26 1.30 -21.30
N ASP A 100 -16.87 1.89 -22.41
CA ASP A 100 -15.71 2.78 -22.32
C ASP A 100 -16.12 4.15 -21.77
N HIS A 101 -15.13 4.91 -21.29
CA HIS A 101 -15.42 6.19 -20.67
C HIS A 101 -15.94 7.28 -21.59
N SER A 102 -16.05 7.01 -22.88
CA SER A 102 -16.56 8.05 -23.76
C SER A 102 -18.05 8.27 -23.44
N MET A 103 -18.68 7.31 -22.78
CA MET A 103 -20.10 7.44 -22.42
C MET A 103 -20.35 8.50 -21.36
N ALA A 104 -19.27 9.08 -20.83
CA ALA A 104 -19.39 10.12 -19.81
C ALA A 104 -19.90 11.38 -20.48
N ILE A 105 -19.65 11.49 -21.78
CA ILE A 105 -20.10 12.65 -22.56
C ILE A 105 -21.61 12.71 -22.42
N GLY A 106 -22.28 11.60 -22.72
CA GLY A 106 -23.72 11.53 -22.63
C GLY A 106 -24.24 11.53 -21.20
N SER A 107 -23.59 10.75 -20.35
CA SER A 107 -24.00 10.68 -18.94
C SER A 107 -24.03 12.07 -18.29
N ILE A 108 -22.95 12.82 -18.43
CA ILE A 108 -22.82 14.14 -17.85
C ILE A 108 -23.69 15.20 -18.56
N SER A 109 -23.78 15.12 -19.89
CA SER A 109 -24.61 16.06 -20.65
C SER A 109 -26.06 15.95 -20.16
N GLY A 110 -26.52 14.72 -19.95
CA GLY A 110 -27.88 14.49 -19.50
C GLY A 110 -28.06 15.04 -18.10
N HIS A 111 -27.15 14.64 -17.22
CA HIS A 111 -27.18 15.09 -15.83
C HIS A 111 -27.14 16.63 -15.76
N ALA A 112 -26.33 17.26 -16.61
CA ALA A 112 -26.20 18.71 -16.62
C ALA A 112 -27.38 19.50 -17.19
N ARG A 113 -28.17 18.87 -18.06
CA ARG A 113 -29.33 19.54 -18.63
C ARG A 113 -30.34 19.83 -17.53
N VAL A 114 -30.36 18.96 -16.52
CA VAL A 114 -31.28 19.09 -15.38
C VAL A 114 -30.67 19.83 -14.19
N HIS A 115 -29.42 19.50 -13.87
CA HIS A 115 -28.71 20.14 -12.76
C HIS A 115 -27.50 20.84 -13.36
N PRO A 116 -27.73 21.96 -14.05
CA PRO A 116 -26.63 22.70 -14.67
C PRO A 116 -25.48 23.16 -13.76
N ASP A 117 -25.75 23.33 -12.46
CA ASP A 117 -24.71 23.78 -11.53
C ASP A 117 -23.93 22.65 -10.87
N LEU A 118 -24.07 21.44 -11.39
CA LEU A 118 -23.38 20.29 -10.80
C LEU A 118 -21.86 20.39 -10.94
N CYS A 119 -21.15 19.60 -10.13
CA CYS A 119 -19.69 19.60 -10.23
C CYS A 119 -19.27 18.17 -10.52
N VAL A 120 -18.08 18.00 -11.05
CA VAL A 120 -17.57 16.70 -11.41
C VAL A 120 -16.27 16.28 -10.71
N ILE A 121 -16.32 15.11 -10.10
CA ILE A 121 -15.15 14.53 -9.46
C ILE A 121 -14.81 13.42 -10.44
N TRP A 122 -13.60 13.47 -11.00
CA TRP A 122 -13.17 12.50 -12.00
C TRP A 122 -12.01 11.63 -11.49
N VAL A 123 -12.31 10.40 -11.07
CA VAL A 123 -11.30 9.48 -10.56
C VAL A 123 -10.74 8.73 -11.76
N ASP A 124 -9.46 8.88 -12.00
CA ASP A 124 -8.92 8.27 -13.22
C ASP A 124 -7.41 8.44 -13.24
N ALA A 125 -6.71 7.50 -13.89
CA ALA A 125 -5.27 7.63 -14.02
C ALA A 125 -5.06 8.64 -15.14
N HIS A 126 -6.11 8.86 -15.92
CA HIS A 126 -6.05 9.76 -17.06
C HIS A 126 -7.02 10.95 -16.98
N THR A 127 -6.66 12.03 -17.67
CA THR A 127 -7.47 13.24 -17.70
C THR A 127 -8.57 13.20 -18.78
N ASP A 128 -8.42 12.29 -19.75
CA ASP A 128 -9.39 12.15 -20.84
C ASP A 128 -9.78 13.51 -21.38
N ILE A 129 -8.81 14.42 -21.48
CA ILE A 129 -9.08 15.77 -21.95
C ILE A 129 -8.42 16.10 -23.29
N ASN A 130 -8.00 15.08 -24.02
CA ASN A 130 -7.41 15.29 -25.34
C ASN A 130 -8.55 15.78 -26.23
N THR A 131 -8.24 16.59 -27.23
CA THR A 131 -9.28 17.03 -28.14
C THR A 131 -9.06 16.20 -29.39
N PRO A 132 -9.98 16.28 -30.36
CA PRO A 132 -9.83 15.50 -31.60
C PRO A 132 -8.56 15.85 -32.37
N LEU A 133 -7.84 16.86 -31.90
CA LEU A 133 -6.61 17.31 -32.56
C LEU A 133 -5.33 16.89 -31.85
N THR A 134 -5.30 17.03 -30.52
CA THR A 134 -4.14 16.67 -29.71
C THR A 134 -3.92 15.16 -29.58
N ALA A 135 -5.01 14.40 -29.57
CA ALA A 135 -4.93 12.95 -29.43
C ALA A 135 -4.49 12.26 -30.71
N SER A 136 -3.41 11.48 -30.63
CA SER A 136 -2.91 10.76 -31.78
C SER A 136 -3.63 9.41 -31.88
N SER A 137 -4.06 8.90 -30.73
CA SER A 137 -4.75 7.62 -30.68
C SER A 137 -6.08 7.71 -31.40
N GLY A 138 -6.73 8.86 -31.30
CA GLY A 138 -8.02 9.03 -31.94
C GLY A 138 -9.12 8.21 -31.29
N ASN A 139 -8.92 7.84 -30.01
CA ASN A 139 -9.91 7.06 -29.27
C ASN A 139 -10.73 8.00 -28.40
N LEU A 140 -12.03 8.08 -28.69
CA LEU A 140 -12.92 8.99 -27.97
C LEU A 140 -13.01 8.81 -26.45
N HIS A 141 -12.65 7.65 -25.93
CA HIS A 141 -12.72 7.49 -24.49
C HIS A 141 -11.62 8.34 -23.83
N GLY A 142 -10.69 8.84 -24.62
CA GLY A 142 -9.63 9.68 -24.08
C GLY A 142 -9.89 11.16 -24.34
N GLN A 143 -11.14 11.51 -24.65
CA GLN A 143 -11.51 12.89 -24.96
C GLN A 143 -12.85 13.38 -24.40
N PRO A 144 -13.54 12.57 -23.57
CA PRO A 144 -14.83 13.00 -23.02
C PRO A 144 -14.88 14.40 -22.42
N VAL A 145 -13.95 14.70 -21.52
CA VAL A 145 -13.93 16.00 -20.87
C VAL A 145 -13.72 17.14 -21.89
N ALA A 146 -12.99 16.87 -22.96
CA ALA A 146 -12.75 17.89 -23.98
C ALA A 146 -14.07 18.27 -24.64
N PHE A 147 -14.94 17.28 -24.87
CA PHE A 147 -16.24 17.53 -25.48
C PHE A 147 -17.24 18.22 -24.55
N LEU A 148 -16.98 18.16 -23.24
CA LEU A 148 -17.87 18.75 -22.24
C LEU A 148 -17.47 20.12 -21.69
N LEU A 149 -16.18 20.41 -21.63
CA LEU A 149 -15.70 21.68 -21.08
C LEU A 149 -16.03 22.90 -21.94
N LYS A 150 -16.54 23.94 -21.28
CA LYS A 150 -16.91 25.16 -21.95
C LYS A 150 -15.71 25.92 -22.51
N GLU A 151 -14.58 25.90 -21.79
CA GLU A 151 -13.40 26.61 -22.25
C GLU A 151 -12.76 26.06 -23.52
N LEU A 152 -12.95 24.77 -23.80
CA LEU A 152 -12.39 24.16 -25.00
C LEU A 152 -13.36 24.22 -26.18
N LYS A 153 -14.53 24.81 -25.95
CA LYS A 153 -15.55 24.92 -26.97
C LYS A 153 -15.01 25.71 -28.16
N GLY A 154 -14.99 25.08 -29.32
CA GLY A 154 -14.49 25.75 -30.51
C GLY A 154 -12.99 25.64 -30.71
N LYS A 155 -12.30 24.97 -29.78
CA LYS A 155 -10.86 24.81 -29.88
C LYS A 155 -10.51 23.67 -30.84
N PHE A 156 -11.53 22.94 -31.29
CA PHE A 156 -11.33 21.85 -32.24
C PHE A 156 -12.52 21.85 -33.20
N PRO A 157 -12.30 21.39 -34.45
CA PRO A 157 -13.35 21.35 -35.48
C PRO A 157 -14.59 20.56 -35.05
N ASP A 158 -15.73 20.89 -35.63
CA ASP A 158 -16.97 20.19 -35.32
C ASP A 158 -16.75 18.73 -35.66
N VAL A 159 -17.11 17.84 -34.74
CA VAL A 159 -16.93 16.42 -35.00
C VAL A 159 -18.28 15.80 -35.34
N PRO A 160 -18.36 15.15 -36.52
CA PRO A 160 -19.56 14.49 -37.04
C PRO A 160 -20.22 13.62 -35.98
N GLY A 161 -21.48 13.89 -35.70
CA GLY A 161 -22.19 13.12 -34.70
C GLY A 161 -22.31 13.78 -33.34
N PHE A 162 -21.61 14.89 -33.12
CA PHE A 162 -21.65 15.57 -31.82
C PHE A 162 -22.23 16.98 -31.85
N SER A 163 -23.08 17.28 -32.84
CA SER A 163 -23.67 18.61 -32.93
C SER A 163 -24.75 18.86 -31.87
N TRP A 164 -25.21 17.78 -31.22
CA TRP A 164 -26.24 17.86 -30.19
C TRP A 164 -25.62 18.27 -28.85
N VAL A 165 -24.31 18.04 -28.71
CA VAL A 165 -23.60 18.36 -27.48
C VAL A 165 -23.50 19.85 -27.20
N THR A 166 -23.73 20.21 -25.93
CA THR A 166 -23.64 21.60 -25.48
C THR A 166 -22.69 21.67 -24.30
N PRO A 167 -21.46 22.17 -24.51
CA PRO A 167 -20.46 22.29 -23.44
C PRO A 167 -21.16 22.72 -22.15
N CYS A 168 -21.32 21.77 -21.24
CA CYS A 168 -22.03 22.01 -19.99
C CYS A 168 -21.25 22.22 -18.69
N ILE A 169 -19.95 21.97 -18.70
CA ILE A 169 -19.19 22.14 -17.45
C ILE A 169 -17.98 23.05 -17.57
N SER A 170 -17.89 24.00 -16.65
CA SER A 170 -16.76 24.94 -16.63
C SER A 170 -15.53 24.28 -16.03
N ALA A 171 -14.36 24.68 -16.52
CA ALA A 171 -13.10 24.13 -16.05
C ALA A 171 -12.91 24.21 -14.54
N LYS A 172 -13.66 25.07 -13.88
CA LYS A 172 -13.48 25.18 -12.43
C LYS A 172 -14.44 24.31 -11.63
N ASP A 173 -15.31 23.58 -12.33
CA ASP A 173 -16.27 22.70 -11.68
C ASP A 173 -15.87 21.23 -11.81
N ILE A 174 -14.60 20.99 -12.11
CA ILE A 174 -14.14 19.61 -12.23
C ILE A 174 -12.89 19.38 -11.40
N VAL A 175 -12.86 18.25 -10.71
CA VAL A 175 -11.72 17.89 -9.88
C VAL A 175 -11.26 16.48 -10.20
N TYR A 176 -9.99 16.38 -10.58
CA TYR A 176 -9.34 15.12 -10.92
C TYR A 176 -8.70 14.52 -9.69
N ILE A 177 -8.71 13.19 -9.60
CA ILE A 177 -8.09 12.46 -8.50
C ILE A 177 -7.53 11.15 -9.05
N GLY A 178 -6.22 10.96 -8.94
CA GLY A 178 -5.60 9.72 -9.41
C GLY A 178 -4.64 9.80 -10.60
N LEU A 179 -4.52 10.97 -11.22
CA LEU A 179 -3.65 11.14 -12.39
C LEU A 179 -2.22 10.62 -12.23
N ARG A 180 -1.71 10.02 -13.31
CA ARG A 180 -0.36 9.47 -13.35
C ARG A 180 0.02 9.12 -14.80
N ASP A 181 -0.88 9.35 -15.74
CA ASP A 181 -0.63 9.02 -17.15
C ASP A 181 -1.23 10.08 -18.09
N VAL A 182 -0.69 11.31 -18.05
CA VAL A 182 -1.18 12.44 -18.86
C VAL A 182 -0.34 12.77 -20.12
N ASP A 183 -0.97 12.86 -21.29
CA ASP A 183 -0.24 13.20 -22.53
C ASP A 183 0.24 14.66 -22.51
N PRO A 184 1.28 15.00 -23.30
CA PRO A 184 1.81 16.36 -23.37
C PRO A 184 0.74 17.43 -23.55
N GLY A 185 -0.09 17.27 -24.57
CA GLY A 185 -1.15 18.23 -24.84
C GLY A 185 -2.19 18.36 -23.73
N GLU A 186 -2.45 17.25 -23.05
CA GLU A 186 -3.42 17.25 -21.96
C GLU A 186 -2.88 18.07 -20.78
N HIS A 187 -1.61 17.82 -20.43
CA HIS A 187 -0.98 18.55 -19.33
C HIS A 187 -0.96 20.05 -19.65
N TYR A 188 -0.90 20.38 -20.93
CA TYR A 188 -0.90 21.77 -21.38
C TYR A 188 -2.26 22.41 -21.12
N ILE A 189 -3.31 21.69 -21.52
CA ILE A 189 -4.69 22.14 -21.34
C ILE A 189 -5.02 22.30 -19.85
N ILE A 190 -4.86 21.24 -19.07
CA ILE A 190 -5.16 21.35 -17.64
C ILE A 190 -4.35 22.47 -16.97
N LYS A 191 -3.10 22.63 -17.40
CA LYS A 191 -2.23 23.69 -16.85
C LYS A 191 -2.67 25.09 -17.27
N THR A 192 -2.93 25.28 -18.56
CA THR A 192 -3.36 26.57 -19.07
C THR A 192 -4.77 26.94 -18.65
N LEU A 193 -5.63 25.93 -18.48
CA LEU A 193 -7.01 26.16 -18.07
C LEU A 193 -7.22 26.25 -16.55
N GLY A 194 -6.18 25.94 -15.79
CA GLY A 194 -6.27 26.02 -14.34
C GLY A 194 -7.15 25.00 -13.64
N ILE A 195 -7.29 23.83 -14.25
CA ILE A 195 -8.10 22.75 -13.70
C ILE A 195 -7.46 22.15 -12.43
N LYS A 196 -8.27 21.95 -11.40
CA LYS A 196 -7.80 21.41 -10.12
C LYS A 196 -7.64 19.89 -10.18
N TYR A 197 -6.46 19.43 -9.81
CA TYR A 197 -6.19 17.99 -9.83
C TYR A 197 -5.34 17.55 -8.67
N PHE A 198 -5.48 16.28 -8.30
CA PHE A 198 -4.68 15.67 -7.25
C PHE A 198 -4.06 14.45 -7.89
N SER A 199 -2.90 14.64 -8.51
CA SER A 199 -2.23 13.53 -9.16
C SER A 199 -1.81 12.56 -8.08
N MET A 200 -1.26 11.42 -8.48
CA MET A 200 -0.81 10.44 -7.51
C MET A 200 0.26 11.07 -6.65
N THR A 201 0.92 12.10 -7.17
CA THR A 201 1.96 12.80 -6.43
C THR A 201 1.31 13.54 -5.25
N GLU A 202 0.24 14.28 -5.50
CA GLU A 202 -0.43 15.00 -4.42
C GLU A 202 -1.06 14.03 -3.44
N VAL A 203 -1.47 12.85 -3.92
CA VAL A 203 -2.06 11.87 -3.04
C VAL A 203 -1.02 11.37 -2.04
N ASP A 204 0.17 11.03 -2.53
CA ASP A 204 1.26 10.54 -1.68
C ASP A 204 1.69 11.59 -0.66
N LYS A 205 1.70 12.85 -1.08
CA LYS A 205 2.10 13.94 -0.21
C LYS A 205 1.08 14.23 0.88
N LEU A 206 -0.17 14.44 0.45
CA LEU A 206 -1.27 14.79 1.35
C LEU A 206 -1.99 13.67 2.11
N GLY A 207 -2.17 12.52 1.46
CA GLY A 207 -2.91 11.44 2.08
C GLY A 207 -4.32 11.61 1.55
N ILE A 208 -5.03 10.52 1.29
CA ILE A 208 -6.37 10.62 0.74
C ILE A 208 -7.34 11.47 1.58
N GLY A 209 -7.11 11.50 2.89
CA GLY A 209 -7.99 12.27 3.76
C GLY A 209 -7.97 13.77 3.48
N LYS A 210 -6.78 14.35 3.38
CA LYS A 210 -6.65 15.77 3.12
C LYS A 210 -7.04 16.09 1.67
N VAL A 211 -6.89 15.12 0.78
CA VAL A 211 -7.25 15.29 -0.63
C VAL A 211 -8.76 15.50 -0.76
N MET A 212 -9.55 14.78 0.03
CA MET A 212 -11.00 14.94 -0.03
C MET A 212 -11.42 16.29 0.58
N GLU A 213 -10.84 16.65 1.72
CA GLU A 213 -11.16 17.92 2.36
C GLU A 213 -10.93 19.04 1.36
N GLU A 214 -9.82 18.97 0.64
CA GLU A 214 -9.50 19.99 -0.34
C GLU A 214 -10.38 19.88 -1.56
N THR A 215 -10.75 18.66 -1.93
CA THR A 215 -11.61 18.45 -3.09
C THR A 215 -12.96 19.09 -2.81
N PHE A 216 -13.49 18.84 -1.62
CA PHE A 216 -14.78 19.37 -1.24
C PHE A 216 -14.79 20.87 -0.94
N SER A 217 -13.79 21.37 -0.22
CA SER A 217 -13.76 22.81 0.06
C SER A 217 -13.73 23.61 -1.23
N TYR A 218 -12.97 23.10 -2.20
CA TYR A 218 -12.79 23.71 -3.51
C TYR A 218 -14.07 23.69 -4.34
N LEU A 219 -14.77 22.57 -4.34
CA LEU A 219 -16.00 22.44 -5.11
C LEU A 219 -17.28 22.83 -4.37
N LEU A 220 -17.29 22.65 -3.06
CA LEU A 220 -18.47 22.96 -2.27
C LEU A 220 -18.30 24.11 -1.25
N GLY A 221 -17.12 24.75 -1.26
CA GLY A 221 -16.89 25.84 -0.33
C GLY A 221 -17.97 26.90 -0.32
N ARG A 222 -18.02 27.71 -1.37
CA ARG A 222 -19.00 28.78 -1.49
C ARG A 222 -20.45 28.29 -1.36
N LYS A 223 -20.88 27.48 -2.33
CA LYS A 223 -22.24 26.95 -2.34
C LYS A 223 -22.22 25.44 -2.57
N LYS A 224 -23.26 24.76 -2.12
CA LYS A 224 -23.35 23.31 -2.31
C LYS A 224 -24.11 23.06 -3.62
N ARG A 225 -23.75 22.00 -4.31
CA ARG A 225 -24.41 21.65 -5.57
C ARG A 225 -24.30 20.16 -5.84
N PRO A 226 -25.00 19.68 -6.89
CA PRO A 226 -24.94 18.25 -7.22
C PRO A 226 -23.55 17.76 -7.58
N ILE A 227 -23.24 16.55 -7.15
CA ILE A 227 -21.96 15.93 -7.45
C ILE A 227 -22.15 14.79 -8.45
N HIS A 228 -21.33 14.80 -9.48
CA HIS A 228 -21.33 13.75 -10.50
C HIS A 228 -19.94 13.13 -10.42
N LEU A 229 -19.87 11.90 -9.92
CA LEU A 229 -18.60 11.20 -9.78
C LEU A 229 -18.45 10.26 -10.97
N SER A 230 -17.51 10.54 -11.86
CA SER A 230 -17.29 9.66 -12.99
C SER A 230 -16.08 8.79 -12.63
N PHE A 231 -16.34 7.50 -12.39
CA PHE A 231 -15.30 6.59 -11.96
C PHE A 231 -14.73 5.64 -13.00
N ASP A 232 -13.45 5.82 -13.30
CA ASP A 232 -12.76 4.95 -14.25
C ASP A 232 -12.01 3.95 -13.37
N VAL A 233 -12.26 2.66 -13.54
CA VAL A 233 -11.59 1.68 -12.69
C VAL A 233 -10.07 1.68 -12.80
N ASP A 234 -9.52 2.17 -13.91
CA ASP A 234 -8.08 2.19 -14.02
C ASP A 234 -7.52 3.28 -13.10
N GLY A 235 -8.44 3.94 -12.37
CA GLY A 235 -8.03 4.95 -11.42
C GLY A 235 -7.33 4.23 -10.28
N LEU A 236 -7.84 3.06 -9.93
CA LEU A 236 -7.20 2.28 -8.88
C LEU A 236 -6.08 1.50 -9.54
N ASP A 237 -5.17 1.02 -8.71
CA ASP A 237 -4.00 0.26 -9.14
C ASP A 237 -4.37 -1.09 -9.77
N PRO A 238 -3.63 -1.51 -10.81
CA PRO A 238 -3.84 -2.78 -11.52
C PRO A 238 -3.96 -4.00 -10.59
N VAL A 239 -3.38 -3.91 -9.39
CA VAL A 239 -3.45 -5.00 -8.43
C VAL A 239 -4.91 -5.18 -8.01
N PHE A 240 -5.66 -4.08 -8.03
CA PHE A 240 -7.06 -4.10 -7.62
C PHE A 240 -8.05 -4.14 -8.79
N THR A 241 -7.73 -3.43 -9.86
CA THR A 241 -8.63 -3.38 -11.02
C THR A 241 -7.88 -3.72 -12.29
N PRO A 242 -7.34 -4.96 -12.38
CA PRO A 242 -6.58 -5.45 -13.52
C PRO A 242 -7.32 -5.46 -14.86
N ALA A 243 -8.59 -5.90 -14.87
CA ALA A 243 -9.38 -6.00 -16.10
C ALA A 243 -9.90 -4.70 -16.69
N THR A 244 -8.97 -3.91 -17.25
CA THR A 244 -9.26 -2.62 -17.88
C THR A 244 -8.34 -2.48 -19.10
N GLY A 245 -8.70 -1.59 -20.02
CA GLY A 245 -7.90 -1.42 -21.22
C GLY A 245 -6.55 -0.72 -21.08
N THR A 246 -6.47 0.27 -20.19
CA THR A 246 -5.22 1.03 -19.99
C THR A 246 -4.78 1.12 -18.52
N PRO A 247 -4.27 0.02 -17.96
CA PRO A 247 -3.80 -0.04 -16.57
C PRO A 247 -2.46 0.67 -16.36
N VAL A 248 -2.33 1.39 -15.25
CA VAL A 248 -1.08 2.10 -14.97
C VAL A 248 -0.65 1.86 -13.53
N VAL A 249 0.61 1.44 -13.35
CA VAL A 249 1.16 1.16 -12.03
C VAL A 249 1.17 2.39 -11.14
N GLY A 250 1.19 2.17 -9.83
CA GLY A 250 1.21 3.27 -8.88
C GLY A 250 -0.15 3.92 -8.67
N GLY A 251 -1.22 3.15 -8.83
CA GLY A 251 -2.56 3.68 -8.69
C GLY A 251 -3.15 3.82 -7.28
N LEU A 252 -4.42 4.24 -7.24
CA LEU A 252 -5.14 4.41 -5.98
C LEU A 252 -5.36 3.03 -5.37
N SER A 253 -5.30 2.93 -4.05
CA SER A 253 -5.50 1.64 -3.41
C SER A 253 -7.00 1.41 -3.25
N TYR A 254 -7.34 0.16 -2.95
CA TYR A 254 -8.73 -0.23 -2.73
C TYR A 254 -9.26 0.63 -1.58
N ARG A 255 -8.41 0.79 -0.57
CA ARG A 255 -8.77 1.57 0.59
C ARG A 255 -9.03 3.02 0.25
N GLU A 256 -8.12 3.66 -0.49
CA GLU A 256 -8.31 5.06 -0.87
C GLU A 256 -9.53 5.22 -1.75
N GLY A 257 -9.81 4.23 -2.58
CA GLY A 257 -10.97 4.28 -3.44
C GLY A 257 -12.23 4.31 -2.60
N LEU A 258 -12.28 3.46 -1.59
CA LEU A 258 -13.43 3.40 -0.70
C LEU A 258 -13.56 4.69 0.11
N TYR A 259 -12.44 5.25 0.54
CA TYR A 259 -12.46 6.48 1.32
C TYR A 259 -13.12 7.57 0.51
N ILE A 260 -12.77 7.61 -0.77
CA ILE A 260 -13.30 8.59 -1.69
C ILE A 260 -14.82 8.51 -1.74
N THR A 261 -15.34 7.32 -2.00
CA THR A 261 -16.77 7.12 -2.08
C THR A 261 -17.47 7.29 -0.74
N GLU A 262 -16.84 6.83 0.33
CA GLU A 262 -17.48 6.99 1.64
C GLU A 262 -17.66 8.47 1.89
N GLU A 263 -16.61 9.26 1.63
CA GLU A 263 -16.68 10.68 1.84
C GLU A 263 -17.74 11.32 0.94
N ILE A 264 -17.82 10.88 -0.31
CA ILE A 264 -18.80 11.42 -1.24
C ILE A 264 -20.21 11.11 -0.75
N TYR A 265 -20.42 9.89 -0.26
CA TYR A 265 -21.73 9.52 0.28
C TYR A 265 -22.14 10.51 1.38
N LYS A 266 -21.25 10.68 2.34
CA LYS A 266 -21.49 11.56 3.47
C LYS A 266 -21.94 12.98 3.10
N THR A 267 -21.52 13.49 1.95
CA THR A 267 -21.93 14.84 1.55
C THR A 267 -23.43 14.88 1.29
N GLY A 268 -24.00 13.71 0.98
CA GLY A 268 -25.41 13.62 0.68
C GLY A 268 -25.77 14.34 -0.60
N LEU A 269 -24.76 14.66 -1.40
CA LEU A 269 -24.97 15.39 -2.65
C LEU A 269 -24.75 14.58 -3.92
N LEU A 270 -24.32 13.33 -3.77
CA LEU A 270 -24.09 12.50 -4.97
C LEU A 270 -25.37 12.50 -5.80
N SER A 271 -25.24 12.89 -7.06
CA SER A 271 -26.37 12.98 -7.97
C SER A 271 -26.21 12.10 -9.22
N GLY A 272 -24.96 11.92 -9.65
CA GLY A 272 -24.66 11.12 -10.82
C GLY A 272 -23.43 10.24 -10.60
N LEU A 273 -23.48 8.99 -11.05
CA LEU A 273 -22.35 8.08 -10.87
C LEU A 273 -22.04 7.33 -12.15
N ASP A 274 -20.75 7.15 -12.43
CA ASP A 274 -20.31 6.39 -13.61
C ASP A 274 -19.29 5.36 -13.15
N ILE A 275 -19.48 4.11 -13.56
CA ILE A 275 -18.54 3.03 -13.23
C ILE A 275 -18.12 2.51 -14.59
N MET A 276 -16.97 2.95 -15.06
CA MET A 276 -16.52 2.59 -16.40
C MET A 276 -15.19 1.88 -16.55
N GLU A 277 -15.00 1.38 -17.77
CA GLU A 277 -13.81 0.70 -18.24
C GLU A 277 -13.56 -0.71 -17.70
N VAL A 278 -14.58 -1.31 -17.11
CA VAL A 278 -14.43 -2.69 -16.63
C VAL A 278 -14.48 -3.58 -17.87
N ASN A 279 -13.37 -4.22 -18.20
CA ASN A 279 -13.33 -5.09 -19.38
C ASN A 279 -12.97 -6.50 -18.93
N PRO A 280 -14.00 -7.35 -18.71
CA PRO A 280 -13.79 -8.72 -18.27
C PRO A 280 -12.90 -9.57 -19.16
N THR A 281 -12.94 -9.33 -20.47
CA THR A 281 -12.13 -10.10 -21.41
C THR A 281 -10.62 -9.89 -21.22
N LEU A 282 -10.25 -8.73 -20.68
CA LEU A 282 -8.84 -8.42 -20.46
C LEU A 282 -8.29 -8.94 -19.13
N GLY A 283 -8.90 -10.00 -18.60
CA GLY A 283 -8.39 -10.57 -17.38
C GLY A 283 -7.38 -11.63 -17.74
N LYS A 284 -6.20 -11.60 -17.13
CA LYS A 284 -5.14 -12.60 -17.39
C LYS A 284 -5.56 -13.95 -16.80
N THR A 285 -6.42 -13.88 -15.78
CA THR A 285 -6.94 -15.06 -15.09
C THR A 285 -8.38 -14.68 -14.73
N PRO A 286 -9.22 -15.67 -14.37
CA PRO A 286 -10.59 -15.27 -14.03
C PRO A 286 -10.64 -14.42 -12.75
N GLU A 287 -9.76 -14.73 -11.80
CA GLU A 287 -9.71 -14.01 -10.52
C GLU A 287 -9.40 -12.52 -10.71
N GLU A 288 -8.63 -12.20 -11.74
CA GLU A 288 -8.31 -10.81 -12.00
C GLU A 288 -9.59 -10.06 -12.35
N VAL A 289 -10.55 -10.75 -12.95
CA VAL A 289 -11.83 -10.14 -13.29
C VAL A 289 -12.63 -10.04 -11.99
N THR A 290 -12.58 -11.11 -11.21
CA THR A 290 -13.27 -11.15 -9.93
C THR A 290 -12.87 -9.94 -9.10
N ARG A 291 -11.56 -9.71 -8.96
CA ARG A 291 -11.04 -8.58 -8.20
C ARG A 291 -11.57 -7.24 -8.74
N THR A 292 -11.47 -7.05 -10.04
CA THR A 292 -11.92 -5.84 -10.71
C THR A 292 -13.40 -5.60 -10.40
N VAL A 293 -14.22 -6.60 -10.71
CA VAL A 293 -15.65 -6.52 -10.47
C VAL A 293 -15.99 -6.31 -9.01
N ASN A 294 -15.41 -7.13 -8.13
CA ASN A 294 -15.71 -6.97 -6.71
C ASN A 294 -15.31 -5.57 -6.23
N THR A 295 -14.17 -5.06 -6.70
CA THR A 295 -13.76 -3.72 -6.31
C THR A 295 -14.77 -2.67 -6.80
N ALA A 296 -15.24 -2.82 -8.05
CA ALA A 296 -16.21 -1.88 -8.63
C ALA A 296 -17.53 -1.89 -7.88
N VAL A 297 -18.01 -3.08 -7.55
CA VAL A 297 -19.25 -3.22 -6.82
C VAL A 297 -19.12 -2.55 -5.45
N ALA A 298 -18.05 -2.87 -4.72
CA ALA A 298 -17.82 -2.30 -3.38
C ALA A 298 -17.83 -0.77 -3.40
N LEU A 299 -17.21 -0.18 -4.41
CA LEU A 299 -17.15 1.27 -4.54
C LEU A 299 -18.55 1.81 -4.73
N THR A 300 -19.29 1.15 -5.62
CA THR A 300 -20.66 1.51 -5.94
C THR A 300 -21.55 1.48 -4.69
N LEU A 301 -21.39 0.43 -3.88
CA LEU A 301 -22.19 0.31 -2.65
C LEU A 301 -21.78 1.41 -1.65
N SER A 302 -20.50 1.74 -1.64
CA SER A 302 -19.97 2.77 -0.74
C SER A 302 -20.61 4.13 -1.06
N CYS A 303 -20.72 4.45 -2.34
CA CYS A 303 -21.32 5.71 -2.78
C CYS A 303 -22.72 5.78 -2.22
N PHE A 304 -23.26 4.63 -1.82
CA PHE A 304 -24.61 4.60 -1.30
C PHE A 304 -24.80 4.18 0.15
N GLY A 305 -23.85 4.51 1.01
CA GLY A 305 -24.00 4.21 2.42
C GLY A 305 -23.24 3.10 3.12
N THR A 306 -22.72 2.12 2.37
CA THR A 306 -21.99 1.03 3.00
C THR A 306 -20.68 1.56 3.60
N LYS A 307 -20.54 1.46 4.91
CA LYS A 307 -19.33 1.93 5.57
C LYS A 307 -18.55 0.77 6.19
N ARG A 308 -17.23 0.80 6.02
CA ARG A 308 -16.39 -0.25 6.57
C ARG A 308 -16.47 -0.36 8.09
N GLU A 309 -17.02 0.65 8.77
CA GLU A 309 -17.16 0.57 10.22
C GLU A 309 -18.45 -0.18 10.57
N GLY A 310 -19.26 -0.47 9.55
CA GLY A 310 -20.51 -1.17 9.77
C GLY A 310 -21.75 -0.30 9.55
N ASN A 311 -22.89 -0.95 9.36
CA ASN A 311 -24.17 -0.27 9.14
C ASN A 311 -25.29 -0.97 9.92
N HIS A 312 -26.27 -0.19 10.37
CA HIS A 312 -27.43 -0.72 11.08
C HIS A 312 -28.57 0.29 10.98
N LYS A 313 -29.82 -0.19 11.04
CA LYS A 313 -30.98 0.70 10.93
C LYS A 313 -31.46 1.36 12.22
N LYS B 6 11.87 -9.08 32.79
CA LYS B 6 10.48 -9.56 32.55
C LYS B 6 10.47 -10.71 31.55
N PRO B 7 10.21 -11.93 32.03
CA PRO B 7 10.18 -13.08 31.12
C PRO B 7 8.92 -13.29 30.26
N ILE B 8 9.05 -14.14 29.26
CA ILE B 8 7.98 -14.47 28.34
C ILE B 8 7.67 -15.96 28.40
N GLU B 9 6.39 -16.31 28.34
CA GLU B 9 5.99 -17.71 28.35
C GLU B 9 4.95 -18.00 27.27
N ILE B 10 5.36 -18.76 26.27
CA ILE B 10 4.49 -19.14 25.17
C ILE B 10 3.53 -20.23 25.60
N ILE B 11 2.25 -20.06 25.26
CA ILE B 11 1.23 -21.03 25.61
C ILE B 11 0.45 -21.46 24.38
N GLY B 12 0.51 -22.75 24.06
CA GLY B 12 -0.20 -23.25 22.90
C GLY B 12 -1.67 -23.45 23.19
N ALA B 13 -2.52 -23.00 22.27
CA ALA B 13 -3.97 -23.14 22.44
C ALA B 13 -4.56 -23.76 21.18
N PRO B 14 -4.22 -25.03 20.89
CA PRO B 14 -4.71 -25.77 19.71
C PRO B 14 -6.19 -26.11 19.79
N PHE B 15 -7.04 -25.09 19.63
CA PHE B 15 -8.48 -25.29 19.71
C PHE B 15 -9.15 -24.75 18.46
N SER B 16 -10.30 -25.32 18.08
CA SER B 16 -10.98 -24.87 16.88
C SER B 16 -12.50 -24.98 16.96
N LYS B 17 -13.01 -25.46 18.07
CA LYS B 17 -14.45 -25.60 18.23
C LYS B 17 -15.13 -24.24 18.27
N GLY B 18 -14.37 -23.17 18.08
CA GLY B 18 -14.92 -21.83 18.08
C GLY B 18 -15.51 -21.45 16.73
N GLN B 19 -15.04 -22.11 15.67
CA GLN B 19 -15.53 -21.84 14.32
C GLN B 19 -15.75 -23.15 13.55
N PRO B 20 -16.38 -23.09 12.37
CA PRO B 20 -16.66 -24.28 11.55
C PRO B 20 -15.49 -24.99 10.86
N ARG B 21 -14.47 -24.23 10.46
CA ARG B 21 -13.33 -24.81 9.74
C ARG B 21 -12.24 -25.50 10.56
N GLY B 22 -12.26 -26.82 10.58
CA GLY B 22 -11.22 -27.53 11.30
C GLY B 22 -9.88 -27.12 10.72
N GLY B 23 -8.83 -27.13 11.54
CA GLY B 23 -7.52 -26.76 11.04
C GLY B 23 -6.75 -25.74 11.85
N VAL B 24 -7.44 -24.74 12.41
CA VAL B 24 -6.76 -23.72 13.20
C VAL B 24 -6.11 -24.34 14.44
N GLU B 25 -6.50 -25.57 14.76
CA GLU B 25 -5.94 -26.30 15.90
C GLU B 25 -4.45 -26.51 15.65
N LYS B 26 -4.08 -26.45 14.36
CA LYS B 26 -2.69 -26.65 13.91
C LYS B 26 -1.86 -25.37 13.92
N GLY B 27 -2.47 -24.25 14.30
CA GLY B 27 -1.76 -22.98 14.33
C GLY B 27 -0.51 -22.96 15.20
N PRO B 28 -0.63 -23.30 16.50
CA PRO B 28 0.54 -23.28 17.37
C PRO B 28 1.73 -24.09 16.82
N ALA B 29 1.44 -25.24 16.22
CA ALA B 29 2.50 -26.08 15.66
C ALA B 29 3.12 -25.41 14.44
N ALA B 30 2.31 -24.71 13.66
CA ALA B 30 2.82 -24.02 12.48
C ALA B 30 3.75 -22.87 12.87
N LEU B 31 3.37 -22.11 13.89
CA LEU B 31 4.19 -20.97 14.33
C LEU B 31 5.56 -21.40 14.84
N ARG B 32 5.59 -22.42 15.70
CA ARG B 32 6.86 -22.90 16.23
C ARG B 32 7.73 -23.39 15.07
N LYS B 33 7.09 -24.06 14.12
CA LYS B 33 7.78 -24.60 12.94
C LYS B 33 8.39 -23.44 12.14
N ALA B 34 7.91 -22.23 12.42
CA ALA B 34 8.43 -21.04 11.76
C ALA B 34 9.58 -20.49 12.61
N GLY B 35 9.93 -21.22 13.67
CA GLY B 35 11.02 -20.82 14.54
C GLY B 35 10.71 -19.66 15.49
N LEU B 36 9.43 -19.47 15.79
CA LEU B 36 9.02 -18.39 16.70
C LEU B 36 9.74 -18.45 18.04
N VAL B 37 9.69 -19.60 18.70
CA VAL B 37 10.34 -19.75 20.00
C VAL B 37 11.84 -19.45 19.93
N GLU B 38 12.50 -19.96 18.90
CA GLU B 38 13.95 -19.75 18.74
C GLU B 38 14.28 -18.30 18.39
N LYS B 39 13.45 -17.67 17.58
CA LYS B 39 13.67 -16.28 17.21
C LYS B 39 13.40 -15.35 18.40
N LEU B 40 12.49 -15.76 19.28
CA LEU B 40 12.18 -14.95 20.46
C LEU B 40 13.34 -14.93 21.44
N LYS B 41 13.94 -16.10 21.70
CA LYS B 41 15.07 -16.21 22.62
C LYS B 41 16.21 -15.29 22.23
N GLU B 42 16.31 -14.99 20.94
CA GLU B 42 17.39 -14.14 20.44
C GLU B 42 17.18 -12.63 20.65
N THR B 43 16.04 -12.25 21.21
CA THR B 43 15.79 -10.82 21.48
C THR B 43 16.39 -10.58 22.87
N GLU B 44 16.01 -9.48 23.51
CA GLU B 44 16.53 -9.20 24.83
C GLU B 44 15.78 -9.95 25.93
N TYR B 45 14.67 -10.59 25.59
CA TYR B 45 13.87 -11.35 26.57
C TYR B 45 14.26 -12.82 26.72
N ASN B 46 14.00 -13.35 27.91
CA ASN B 46 14.25 -14.76 28.19
C ASN B 46 12.92 -15.43 27.88
N VAL B 47 12.96 -16.59 27.24
CA VAL B 47 11.73 -17.25 26.87
C VAL B 47 11.58 -18.67 27.40
N ARG B 48 10.34 -19.05 27.68
CA ARG B 48 10.00 -20.38 28.18
C ARG B 48 8.74 -20.78 27.42
N ASP B 49 8.70 -22.01 26.94
CA ASP B 49 7.52 -22.47 26.21
C ASP B 49 6.77 -23.49 27.04
N HIS B 50 5.59 -23.12 27.51
CA HIS B 50 4.76 -24.01 28.31
C HIS B 50 4.19 -25.16 27.47
N GLY B 51 4.30 -25.06 26.14
CA GLY B 51 3.77 -26.10 25.27
C GLY B 51 2.31 -25.88 24.93
N ASP B 52 1.63 -26.92 24.47
CA ASP B 52 0.22 -26.80 24.13
C ASP B 52 -0.63 -27.38 25.24
N LEU B 53 -1.86 -26.90 25.33
CA LEU B 53 -2.79 -27.41 26.33
C LEU B 53 -3.57 -28.54 25.67
N ALA B 54 -4.00 -29.51 26.49
CA ALA B 54 -4.78 -30.63 26.00
C ALA B 54 -6.21 -30.32 26.44
N PHE B 55 -7.11 -30.16 25.48
CA PHE B 55 -8.50 -29.84 25.81
C PHE B 55 -9.34 -31.11 25.87
N VAL B 56 -10.38 -31.09 26.70
CA VAL B 56 -11.26 -32.24 26.86
C VAL B 56 -12.57 -32.06 26.08
N ASP B 57 -12.70 -32.81 25.00
CA ASP B 57 -13.90 -32.76 24.16
C ASP B 57 -15.13 -33.14 24.95
N VAL B 58 -16.03 -32.18 25.17
CA VAL B 58 -17.25 -32.43 25.91
C VAL B 58 -18.18 -33.32 25.07
N PRO B 59 -18.84 -34.30 25.71
CA PRO B 59 -19.75 -35.23 25.04
C PRO B 59 -21.03 -34.66 24.42
N ASN B 60 -22.07 -34.53 25.24
CA ASN B 60 -23.36 -34.04 24.79
C ASN B 60 -23.38 -32.52 24.59
N ASP B 61 -22.30 -32.00 23.98
CA ASP B 61 -22.17 -30.58 23.74
C ASP B 61 -23.00 -30.16 22.53
N SER B 62 -24.28 -29.88 22.78
CA SER B 62 -25.21 -29.47 21.73
C SER B 62 -25.50 -27.98 21.81
N PRO B 63 -25.80 -27.37 20.65
CA PRO B 63 -26.11 -25.94 20.52
C PRO B 63 -26.94 -25.37 21.66
N PHE B 64 -26.70 -24.10 21.99
CA PHE B 64 -27.44 -23.40 23.03
C PHE B 64 -28.28 -22.35 22.34
N GLN B 65 -29.40 -22.79 21.77
CA GLN B 65 -30.31 -21.93 21.04
C GLN B 65 -29.76 -21.68 19.63
N ILE B 66 -28.51 -21.23 19.53
CA ILE B 66 -27.87 -20.99 18.24
C ILE B 66 -26.34 -21.07 18.31
N VAL B 67 -25.78 -20.72 19.47
CA VAL B 67 -24.33 -20.76 19.68
C VAL B 67 -23.86 -22.22 19.65
N LYS B 68 -22.90 -22.52 18.80
CA LYS B 68 -22.38 -23.89 18.69
C LYS B 68 -21.27 -24.22 19.68
N ASN B 69 -21.30 -25.47 20.16
CA ASN B 69 -20.30 -25.99 21.09
C ASN B 69 -19.99 -25.14 22.31
N PRO B 70 -21.01 -24.79 23.11
CA PRO B 70 -20.80 -23.97 24.31
C PRO B 70 -19.84 -24.61 25.33
N ARG B 71 -20.26 -25.76 25.86
CA ARG B 71 -19.49 -26.50 26.86
C ARG B 71 -18.03 -26.72 26.48
N SER B 72 -17.80 -27.00 25.19
CA SER B 72 -16.45 -27.24 24.68
C SER B 72 -15.59 -25.98 24.70
N VAL B 73 -16.18 -24.86 24.25
CA VAL B 73 -15.48 -23.59 24.22
C VAL B 73 -15.30 -23.05 25.62
N GLY B 74 -16.32 -23.24 26.46
CA GLY B 74 -16.25 -22.77 27.84
C GLY B 74 -15.16 -23.47 28.63
N LYS B 75 -15.22 -24.79 28.68
CA LYS B 75 -14.22 -25.57 29.40
C LYS B 75 -12.83 -25.29 28.84
N ALA B 76 -12.74 -25.23 27.51
CA ALA B 76 -11.47 -24.96 26.86
C ALA B 76 -10.95 -23.62 27.38
N ASN B 77 -11.80 -22.60 27.33
CA ASN B 77 -11.40 -21.28 27.79
C ASN B 77 -11.12 -21.22 29.29
N GLU B 78 -11.78 -22.09 30.03
CA GLU B 78 -11.57 -22.15 31.48
C GLU B 78 -10.16 -22.68 31.71
N GLN B 79 -9.75 -23.69 30.95
CA GLN B 79 -8.41 -24.26 31.09
C GLN B 79 -7.33 -23.22 30.87
N LEU B 80 -7.41 -22.56 29.70
CA LEU B 80 -6.44 -21.55 29.35
C LEU B 80 -6.37 -20.45 30.41
N ALA B 81 -7.54 -19.93 30.82
CA ALA B 81 -7.58 -18.89 31.84
C ALA B 81 -6.68 -19.25 33.03
N ALA B 82 -6.92 -20.41 33.63
CA ALA B 82 -6.13 -20.87 34.78
C ALA B 82 -4.63 -20.92 34.47
N VAL B 83 -4.29 -21.33 33.25
CA VAL B 83 -2.89 -21.41 32.86
C VAL B 83 -2.34 -20.00 32.69
N VAL B 84 -3.07 -19.13 32.00
CA VAL B 84 -2.63 -17.76 31.81
C VAL B 84 -2.51 -17.07 33.17
N ALA B 85 -3.48 -17.30 34.05
CA ALA B 85 -3.45 -16.67 35.38
C ALA B 85 -2.17 -17.06 36.12
N GLU B 86 -1.79 -18.33 36.02
CA GLU B 86 -0.60 -18.86 36.65
C GLU B 86 0.70 -18.21 36.12
N THR B 87 0.86 -18.16 34.80
CA THR B 87 2.06 -17.57 34.23
C THR B 87 2.14 -16.07 34.55
N GLN B 88 1.00 -15.38 34.44
CA GLN B 88 0.94 -13.95 34.73
C GLN B 88 1.32 -13.73 36.19
N LYS B 89 0.76 -14.58 37.05
CA LYS B 89 0.99 -14.55 38.49
C LYS B 89 2.48 -14.49 38.82
N ASN B 90 3.24 -15.39 38.20
CA ASN B 90 4.67 -15.48 38.41
C ASN B 90 5.42 -14.24 37.88
N GLY B 91 4.69 -13.36 37.20
CA GLY B 91 5.29 -12.14 36.68
C GLY B 91 5.90 -12.23 35.30
N THR B 92 5.24 -12.97 34.40
CA THR B 92 5.76 -13.10 33.05
C THR B 92 4.74 -12.59 32.05
N ILE B 93 5.20 -12.30 30.84
CA ILE B 93 4.32 -11.83 29.78
C ILE B 93 3.87 -13.07 29.04
N SER B 94 2.57 -13.30 29.00
CA SER B 94 2.03 -14.46 28.32
C SER B 94 1.79 -14.23 26.82
N VAL B 95 2.12 -15.23 26.02
CA VAL B 95 1.91 -15.18 24.58
C VAL B 95 1.07 -16.39 24.24
N VAL B 96 -0.18 -16.19 23.84
CA VAL B 96 -1.03 -17.31 23.50
C VAL B 96 -1.13 -17.53 21.98
N LEU B 97 -0.60 -18.64 21.53
CA LEU B 97 -0.65 -19.05 20.13
C LEU B 97 -1.98 -19.75 20.00
N GLY B 98 -2.93 -19.12 19.32
CA GLY B 98 -4.24 -19.75 19.32
C GLY B 98 -4.71 -20.53 18.09
N GLY B 99 -5.92 -20.99 18.25
CA GLY B 99 -6.68 -21.62 17.24
C GLY B 99 -7.63 -20.49 16.85
N ASP B 100 -8.92 -20.69 16.99
CA ASP B 100 -9.83 -19.62 16.65
C ASP B 100 -9.85 -18.55 17.74
N HIS B 101 -10.36 -17.37 17.42
CA HIS B 101 -10.37 -16.27 18.36
C HIS B 101 -11.27 -16.39 19.58
N SER B 102 -11.92 -17.52 19.75
CA SER B 102 -12.78 -17.70 20.91
C SER B 102 -11.91 -17.90 22.16
N MET B 103 -10.65 -18.27 21.96
CA MET B 103 -9.75 -18.50 23.09
C MET B 103 -9.33 -17.21 23.77
N ALA B 104 -9.68 -16.07 23.19
CA ALA B 104 -9.32 -14.80 23.79
C ALA B 104 -10.07 -14.65 25.12
N ILE B 105 -11.20 -15.34 25.23
CA ILE B 105 -12.00 -15.28 26.44
C ILE B 105 -11.17 -15.76 27.63
N GLY B 106 -10.51 -16.90 27.45
CA GLY B 106 -9.66 -17.44 28.51
C GLY B 106 -8.35 -16.68 28.64
N SER B 107 -7.79 -16.22 27.52
CA SER B 107 -6.53 -15.47 27.58
C SER B 107 -6.71 -14.18 28.37
N ILE B 108 -7.72 -13.40 28.01
CA ILE B 108 -7.97 -12.13 28.66
C ILE B 108 -8.54 -12.28 30.08
N SER B 109 -9.41 -13.28 30.28
CA SER B 109 -9.99 -13.53 31.59
C SER B 109 -8.88 -13.86 32.59
N GLY B 110 -8.00 -14.77 32.19
CA GLY B 110 -6.90 -15.17 33.05
C GLY B 110 -5.94 -14.03 33.30
N HIS B 111 -5.69 -13.22 32.27
CA HIS B 111 -4.79 -12.09 32.40
C HIS B 111 -5.33 -11.06 33.38
N ALA B 112 -6.63 -10.80 33.32
CA ALA B 112 -7.28 -9.82 34.19
C ALA B 112 -7.28 -10.16 35.69
N ARG B 113 -7.12 -11.43 36.02
CA ARG B 113 -7.08 -11.85 37.43
C ARG B 113 -5.83 -11.32 38.11
N VAL B 114 -4.78 -11.14 37.32
CA VAL B 114 -3.51 -10.64 37.85
C VAL B 114 -3.39 -9.14 37.58
N HIS B 115 -4.11 -8.66 36.56
CA HIS B 115 -4.06 -7.24 36.26
C HIS B 115 -5.43 -6.71 35.87
N PRO B 116 -6.28 -6.45 36.89
CA PRO B 116 -7.64 -5.93 36.73
C PRO B 116 -7.75 -4.60 36.00
N ASP B 117 -6.69 -3.80 36.01
CA ASP B 117 -6.72 -2.50 35.35
C ASP B 117 -6.19 -2.50 33.92
N LEU B 118 -5.91 -3.69 33.39
CA LEU B 118 -5.38 -3.81 32.03
C LEU B 118 -6.33 -3.23 30.98
N CYS B 119 -5.76 -2.80 29.86
CA CYS B 119 -6.57 -2.29 28.77
C CYS B 119 -6.35 -3.29 27.64
N VAL B 120 -7.18 -3.22 26.62
CA VAL B 120 -7.08 -4.16 25.51
C VAL B 120 -7.03 -3.47 24.16
N ILE B 121 -6.13 -3.95 23.31
CA ILE B 121 -6.02 -3.42 21.96
C ILE B 121 -6.32 -4.64 21.10
N TRP B 122 -7.41 -4.54 20.36
CA TRP B 122 -7.90 -5.63 19.51
C TRP B 122 -7.68 -5.36 18.03
N VAL B 123 -6.73 -6.06 17.44
CA VAL B 123 -6.42 -5.89 16.03
C VAL B 123 -7.16 -6.98 15.29
N ASP B 124 -8.19 -6.57 14.57
CA ASP B 124 -9.05 -7.52 13.87
C ASP B 124 -9.79 -6.84 12.73
N ALA B 125 -10.29 -7.63 11.79
CA ALA B 125 -11.08 -7.08 10.69
C ALA B 125 -12.51 -7.13 11.21
N HIS B 126 -12.67 -7.76 12.37
CA HIS B 126 -13.98 -7.94 13.00
C HIS B 126 -14.02 -7.51 14.47
N THR B 127 -15.19 -7.10 14.93
CA THR B 127 -15.34 -6.67 16.30
C THR B 127 -15.54 -7.82 17.27
N ASP B 128 -15.88 -8.99 16.75
CA ASP B 128 -16.10 -10.19 17.56
C ASP B 128 -16.93 -9.88 18.80
N ILE B 129 -17.94 -9.04 18.66
CA ILE B 129 -18.77 -8.68 19.80
C ILE B 129 -20.25 -9.04 19.61
N ASN B 130 -20.52 -10.14 18.91
CA ASN B 130 -21.89 -10.62 18.71
C ASN B 130 -22.25 -11.35 19.99
N THR B 131 -23.52 -11.31 20.36
CA THR B 131 -23.98 -12.00 21.55
C THR B 131 -24.67 -13.27 21.05
N PRO B 132 -24.95 -14.23 21.95
CA PRO B 132 -25.61 -15.47 21.55
C PRO B 132 -26.94 -15.20 20.86
N LEU B 133 -27.45 -13.98 21.04
CA LEU B 133 -28.73 -13.61 20.45
C LEU B 133 -28.61 -12.74 19.19
N THR B 134 -27.57 -11.92 19.12
CA THR B 134 -27.38 -11.06 17.95
C THR B 134 -26.71 -11.77 16.79
N ALA B 135 -25.80 -12.69 17.08
CA ALA B 135 -25.10 -13.44 16.05
C ALA B 135 -26.10 -14.32 15.30
N SER B 136 -25.63 -15.01 14.27
CA SER B 136 -26.47 -15.88 13.46
C SER B 136 -25.66 -17.10 12.98
N SER B 137 -24.35 -16.91 12.89
CA SER B 137 -23.45 -17.98 12.46
C SER B 137 -23.31 -19.00 13.58
N GLY B 138 -23.52 -18.55 14.81
CA GLY B 138 -23.41 -19.43 15.96
C GLY B 138 -21.99 -19.74 16.39
N ASN B 139 -21.01 -19.28 15.59
CA ASN B 139 -19.61 -19.53 15.90
C ASN B 139 -19.11 -18.58 16.98
N LEU B 140 -18.58 -19.15 18.06
CA LEU B 140 -18.11 -18.37 19.19
C LEU B 140 -16.86 -17.52 19.01
N HIS B 141 -16.13 -17.71 17.91
CA HIS B 141 -14.94 -16.89 17.74
C HIS B 141 -15.35 -15.49 17.33
N GLY B 142 -16.65 -15.31 17.11
CA GLY B 142 -17.17 -14.01 16.73
C GLY B 142 -17.89 -13.39 17.92
N GLN B 143 -17.70 -13.98 19.10
CA GLN B 143 -18.34 -13.49 20.30
C GLN B 143 -17.43 -13.33 21.54
N PRO B 144 -16.11 -13.51 21.40
CA PRO B 144 -15.30 -13.36 22.61
C PRO B 144 -15.49 -12.06 23.41
N VAL B 145 -15.48 -10.91 22.74
CA VAL B 145 -15.64 -9.63 23.43
C VAL B 145 -16.96 -9.48 24.20
N ALA B 146 -18.03 -10.06 23.68
CA ALA B 146 -19.33 -9.97 24.33
C ALA B 146 -19.28 -10.65 25.70
N PHE B 147 -18.43 -11.66 25.83
CA PHE B 147 -18.30 -12.39 27.09
C PHE B 147 -17.38 -11.69 28.09
N LEU B 148 -16.57 -10.76 27.59
CA LEU B 148 -15.63 -10.04 28.45
C LEU B 148 -16.11 -8.68 28.91
N LEU B 149 -17.00 -8.05 28.13
CA LEU B 149 -17.48 -6.72 28.49
C LEU B 149 -18.47 -6.67 29.63
N LYS B 150 -18.24 -5.72 30.54
CA LYS B 150 -19.12 -5.51 31.70
C LYS B 150 -20.48 -5.01 31.22
N GLU B 151 -20.46 -4.01 30.34
CA GLU B 151 -21.69 -3.42 29.80
C GLU B 151 -22.58 -4.45 29.09
N LEU B 152 -22.02 -5.59 28.71
CA LEU B 152 -22.81 -6.60 28.03
C LEU B 152 -23.35 -7.70 28.93
N LYS B 153 -22.87 -7.76 30.17
CA LYS B 153 -23.38 -8.80 31.07
C LYS B 153 -24.84 -8.47 31.30
N GLY B 154 -25.68 -9.50 31.29
CA GLY B 154 -27.10 -9.28 31.50
C GLY B 154 -27.84 -8.83 30.24
N LYS B 155 -27.18 -8.89 29.10
CA LYS B 155 -27.80 -8.49 27.84
C LYS B 155 -28.12 -9.73 27.00
N PHE B 156 -27.78 -10.89 27.53
CA PHE B 156 -28.07 -12.15 26.87
C PHE B 156 -28.09 -13.24 27.92
N PRO B 157 -28.64 -14.41 27.58
CA PRO B 157 -28.71 -15.53 28.52
C PRO B 157 -27.34 -16.13 28.82
N ASP B 158 -27.04 -16.31 30.10
CA ASP B 158 -25.78 -16.88 30.51
C ASP B 158 -25.62 -18.22 29.80
N VAL B 159 -24.54 -18.36 29.06
CA VAL B 159 -24.25 -19.57 28.29
C VAL B 159 -23.70 -20.70 29.16
N PRO B 160 -24.16 -21.93 28.89
CA PRO B 160 -23.76 -23.15 29.60
C PRO B 160 -22.29 -23.49 29.38
N GLY B 161 -21.50 -23.44 30.45
CA GLY B 161 -20.09 -23.75 30.35
C GLY B 161 -19.24 -22.49 30.48
N PHE B 162 -19.88 -21.35 30.72
CA PHE B 162 -19.17 -20.08 30.86
C PHE B 162 -19.48 -19.32 32.14
N SER B 163 -20.12 -19.97 33.11
CA SER B 163 -20.44 -19.29 34.36
C SER B 163 -19.18 -18.94 35.15
N TRP B 164 -18.07 -19.59 34.81
CA TRP B 164 -16.79 -19.33 35.46
C TRP B 164 -16.27 -17.95 35.05
N VAL B 165 -16.88 -17.39 34.02
CA VAL B 165 -16.47 -16.09 33.49
C VAL B 165 -17.08 -14.92 34.25
N THR B 166 -16.31 -13.86 34.38
CA THR B 166 -16.72 -12.62 35.04
C THR B 166 -16.24 -11.48 34.14
N PRO B 167 -17.17 -10.70 33.56
CA PRO B 167 -16.77 -9.60 32.69
C PRO B 167 -15.62 -8.84 33.32
N CYS B 168 -14.51 -8.72 32.60
CA CYS B 168 -13.33 -8.06 33.14
C CYS B 168 -12.98 -6.69 32.58
N ILE B 169 -13.45 -6.39 31.37
CA ILE B 169 -13.14 -5.10 30.78
C ILE B 169 -14.37 -4.24 30.55
N SER B 170 -14.23 -2.94 30.75
CA SER B 170 -15.34 -2.03 30.56
C SER B 170 -15.29 -1.52 29.13
N ALA B 171 -16.43 -1.05 28.64
CA ALA B 171 -16.53 -0.55 27.29
C ALA B 171 -15.50 0.53 26.94
N LYS B 172 -14.92 1.17 27.95
CA LYS B 172 -13.92 2.21 27.72
C LYS B 172 -12.47 1.73 27.87
N ASP B 173 -12.29 0.44 28.13
CA ASP B 173 -10.95 -0.10 28.28
C ASP B 173 -10.42 -0.85 27.05
N ILE B 174 -11.16 -0.81 25.95
CA ILE B 174 -10.75 -1.51 24.73
C ILE B 174 -10.79 -0.63 23.49
N VAL B 175 -9.87 -0.92 22.57
CA VAL B 175 -9.79 -0.20 21.31
C VAL B 175 -9.59 -1.18 20.17
N TYR B 176 -10.37 -1.02 19.11
CA TYR B 176 -10.31 -1.87 17.93
C TYR B 176 -9.51 -1.17 16.85
N ILE B 177 -8.79 -1.96 16.05
CA ILE B 177 -8.02 -1.46 14.93
C ILE B 177 -8.05 -2.47 13.79
N GLY B 178 -8.48 -2.02 12.61
CA GLY B 178 -8.56 -2.86 11.42
C GLY B 178 -9.97 -3.13 10.91
N LEU B 179 -10.98 -2.84 11.73
CA LEU B 179 -12.38 -3.10 11.39
C LEU B 179 -12.76 -2.76 9.96
N ARG B 180 -13.43 -3.71 9.31
CA ARG B 180 -13.89 -3.53 7.93
C ARG B 180 -15.02 -4.52 7.58
N ASP B 181 -15.39 -5.39 8.52
CA ASP B 181 -16.47 -6.35 8.26
C ASP B 181 -17.35 -6.58 9.49
N VAL B 182 -18.13 -5.56 9.82
CA VAL B 182 -18.99 -5.61 11.01
C VAL B 182 -20.46 -5.92 10.74
N ASP B 183 -21.04 -6.79 11.57
CA ASP B 183 -22.45 -7.15 11.44
C ASP B 183 -23.30 -6.01 11.99
N PRO B 184 -24.52 -5.83 11.45
CA PRO B 184 -25.43 -4.77 11.89
C PRO B 184 -25.60 -4.72 13.41
N GLY B 185 -25.84 -5.90 14.00
CA GLY B 185 -26.04 -6.00 15.45
C GLY B 185 -24.82 -5.50 16.21
N GLU B 186 -23.65 -5.91 15.73
CA GLU B 186 -22.37 -5.54 16.30
C GLU B 186 -22.14 -4.03 16.19
N HIS B 187 -22.45 -3.48 15.02
CA HIS B 187 -22.26 -2.06 14.82
C HIS B 187 -23.15 -1.25 15.78
N TYR B 188 -24.36 -1.73 16.00
CA TYR B 188 -25.31 -1.07 16.91
C TYR B 188 -24.73 -1.07 18.32
N ILE B 189 -24.18 -2.22 18.71
CA ILE B 189 -23.58 -2.39 20.02
C ILE B 189 -22.43 -1.44 20.29
N ILE B 190 -21.49 -1.35 19.33
CA ILE B 190 -20.32 -0.49 19.52
C ILE B 190 -20.64 0.99 19.51
N LYS B 191 -21.71 1.37 18.82
CA LYS B 191 -22.09 2.79 18.79
C LYS B 191 -22.90 3.10 20.05
N THR B 192 -23.72 2.13 20.47
CA THR B 192 -24.54 2.28 21.66
C THR B 192 -23.69 2.37 22.93
N LEU B 193 -22.65 1.54 22.99
CA LEU B 193 -21.78 1.52 24.15
C LEU B 193 -20.61 2.51 24.04
N GLY B 194 -20.56 3.23 22.93
CA GLY B 194 -19.50 4.21 22.74
C GLY B 194 -18.10 3.64 22.84
N ILE B 195 -17.88 2.47 22.27
CA ILE B 195 -16.56 1.85 22.29
C ILE B 195 -15.65 2.53 21.26
N LYS B 196 -14.39 2.75 21.64
CA LYS B 196 -13.44 3.40 20.74
C LYS B 196 -12.91 2.41 19.70
N TYR B 197 -12.87 2.84 18.45
CA TYR B 197 -12.38 1.95 17.40
C TYR B 197 -11.79 2.74 16.25
N PHE B 198 -11.00 2.05 15.43
CA PHE B 198 -10.40 2.67 14.26
C PHE B 198 -10.59 1.74 13.08
N SER B 199 -11.70 1.92 12.36
CA SER B 199 -11.99 1.11 11.19
C SER B 199 -10.94 1.47 10.14
N MET B 200 -10.91 0.76 9.02
CA MET B 200 -9.92 1.07 7.98
C MET B 200 -10.14 2.48 7.48
N THR B 201 -11.36 2.99 7.69
CA THR B 201 -11.73 4.32 7.27
C THR B 201 -10.89 5.33 8.05
N GLU B 202 -10.80 5.12 9.36
CA GLU B 202 -10.01 6.02 10.21
C GLU B 202 -8.52 5.91 9.89
N VAL B 203 -8.07 4.68 9.65
CA VAL B 203 -6.65 4.44 9.33
C VAL B 203 -6.28 5.15 8.02
N ASP B 204 -7.19 5.14 7.05
CA ASP B 204 -6.96 5.80 5.75
C ASP B 204 -6.92 7.31 5.95
N LYS B 205 -7.77 7.79 6.85
CA LYS B 205 -7.89 9.22 7.13
C LYS B 205 -6.77 9.82 7.97
N LEU B 206 -6.45 9.15 9.09
CA LEU B 206 -5.44 9.63 10.02
C LEU B 206 -4.01 9.20 9.79
N GLY B 207 -3.82 7.99 9.28
CA GLY B 207 -2.49 7.44 9.09
C GLY B 207 -2.27 6.59 10.32
N ILE B 208 -1.62 5.43 10.18
CA ILE B 208 -1.41 4.55 11.33
C ILE B 208 -0.65 5.26 12.46
N GLY B 209 0.23 6.20 12.11
CA GLY B 209 0.99 6.93 13.11
C GLY B 209 0.08 7.69 14.06
N LYS B 210 -0.92 8.36 13.50
CA LYS B 210 -1.87 9.14 14.28
C LYS B 210 -2.78 8.17 15.07
N VAL B 211 -3.16 7.07 14.44
CA VAL B 211 -4.03 6.07 15.07
C VAL B 211 -3.47 5.55 16.40
N MET B 212 -2.17 5.30 16.42
CA MET B 212 -1.51 4.82 17.63
C MET B 212 -1.45 5.88 18.73
N GLU B 213 -1.18 7.13 18.34
CA GLU B 213 -1.13 8.22 19.30
C GLU B 213 -2.50 8.36 19.96
N GLU B 214 -3.55 8.37 19.14
CA GLU B 214 -4.90 8.49 19.64
C GLU B 214 -5.31 7.27 20.48
N THR B 215 -4.83 6.10 20.10
CA THR B 215 -5.14 4.89 20.86
C THR B 215 -4.48 4.95 22.25
N PHE B 216 -3.26 5.44 22.31
CA PHE B 216 -2.59 5.52 23.61
C PHE B 216 -3.13 6.66 24.48
N SER B 217 -3.49 7.79 23.87
CA SER B 217 -4.05 8.89 24.64
C SER B 217 -5.32 8.39 25.31
N TYR B 218 -6.15 7.71 24.53
CA TYR B 218 -7.42 7.16 25.01
C TYR B 218 -7.29 6.10 26.11
N LEU B 219 -6.41 5.12 25.90
CA LEU B 219 -6.26 4.05 26.87
C LEU B 219 -5.26 4.33 28.00
N LEU B 220 -4.21 5.09 27.71
CA LEU B 220 -3.19 5.37 28.70
C LEU B 220 -3.09 6.83 29.13
N GLY B 221 -4.11 7.61 28.79
CA GLY B 221 -4.12 9.01 29.14
C GLY B 221 -4.32 9.24 30.62
N ARG B 222 -5.48 8.85 31.13
CA ARG B 222 -5.81 9.00 32.55
C ARG B 222 -4.69 8.43 33.39
N LYS B 223 -4.43 7.14 33.17
CA LYS B 223 -3.40 6.41 33.91
C LYS B 223 -2.75 5.25 33.15
N LYS B 224 -1.51 4.97 33.51
CA LYS B 224 -0.73 3.89 32.90
C LYS B 224 -1.12 2.54 33.49
N ARG B 225 -1.34 1.54 32.65
CA ARG B 225 -1.69 0.21 33.11
C ARG B 225 -1.32 -0.83 32.06
N PRO B 226 -1.27 -2.12 32.44
CA PRO B 226 -0.90 -3.18 31.47
C PRO B 226 -1.76 -3.25 30.20
N ILE B 227 -1.13 -3.65 29.11
CA ILE B 227 -1.82 -3.76 27.83
C ILE B 227 -2.00 -5.20 27.36
N HIS B 228 -3.22 -5.53 26.92
CA HIS B 228 -3.43 -6.86 26.38
C HIS B 228 -3.63 -6.65 24.89
N LEU B 229 -2.82 -7.33 24.08
CA LEU B 229 -2.93 -7.21 22.64
C LEU B 229 -3.46 -8.51 22.08
N SER B 230 -4.68 -8.50 21.58
CA SER B 230 -5.26 -9.70 21.01
C SER B 230 -5.22 -9.49 19.50
N PHE B 231 -4.32 -10.19 18.83
CA PHE B 231 -4.17 -10.02 17.39
C PHE B 231 -4.76 -11.11 16.50
N ASP B 232 -5.76 -10.75 15.71
CA ASP B 232 -6.36 -11.69 14.76
C ASP B 232 -5.59 -11.47 13.47
N VAL B 233 -4.93 -12.50 12.96
CA VAL B 233 -4.17 -12.33 11.73
C VAL B 233 -5.01 -11.81 10.56
N ASP B 234 -6.32 -12.01 10.57
CA ASP B 234 -7.12 -11.50 9.46
C ASP B 234 -7.28 -9.99 9.57
N GLY B 235 -6.61 -9.41 10.55
CA GLY B 235 -6.66 -7.97 10.70
C GLY B 235 -5.83 -7.35 9.60
N LEU B 236 -4.82 -8.08 9.17
CA LEU B 236 -3.95 -7.61 8.09
C LEU B 236 -4.63 -8.06 6.83
N ASP B 237 -4.21 -7.47 5.72
CA ASP B 237 -4.80 -7.78 4.43
C ASP B 237 -4.45 -9.18 3.97
N PRO B 238 -5.40 -9.85 3.30
CA PRO B 238 -5.25 -11.23 2.77
C PRO B 238 -3.99 -11.47 1.97
N VAL B 239 -3.34 -10.39 1.53
CA VAL B 239 -2.12 -10.52 0.76
C VAL B 239 -0.97 -10.93 1.67
N PHE B 240 -1.09 -10.63 2.96
CA PHE B 240 -0.06 -10.96 3.92
C PHE B 240 -0.44 -12.11 4.83
N THR B 241 -1.73 -12.25 5.12
CA THR B 241 -2.19 -13.33 5.97
C THR B 241 -3.37 -14.07 5.33
N PRO B 242 -3.17 -14.63 4.12
CA PRO B 242 -4.23 -15.36 3.41
C PRO B 242 -4.80 -16.60 4.11
N ALA B 243 -3.97 -17.31 4.87
CA ALA B 243 -4.44 -18.53 5.54
C ALA B 243 -5.23 -18.31 6.82
N THR B 244 -6.46 -17.82 6.67
CA THR B 244 -7.34 -17.56 7.81
C THR B 244 -8.75 -17.80 7.36
N GLY B 245 -9.63 -18.10 8.31
CA GLY B 245 -11.01 -18.38 7.98
C GLY B 245 -11.84 -17.28 7.38
N THR B 246 -11.71 -16.06 7.88
CA THR B 246 -12.52 -14.97 7.37
C THR B 246 -11.72 -13.81 6.78
N PRO B 247 -11.13 -14.01 5.58
CA PRO B 247 -10.32 -13.01 4.87
C PRO B 247 -11.18 -11.83 4.40
N VAL B 248 -10.66 -10.62 4.50
CA VAL B 248 -11.37 -9.42 4.05
C VAL B 248 -10.42 -8.41 3.39
N VAL B 249 -10.66 -8.13 2.11
CA VAL B 249 -9.83 -7.19 1.36
C VAL B 249 -9.76 -5.81 2.02
N GLY B 250 -8.76 -5.02 1.63
CA GLY B 250 -8.60 -3.69 2.20
C GLY B 250 -8.17 -3.72 3.66
N GLY B 251 -7.27 -4.64 3.98
CA GLY B 251 -6.82 -4.75 5.36
C GLY B 251 -5.58 -3.93 5.68
N LEU B 252 -5.16 -4.01 6.94
CA LEU B 252 -3.95 -3.33 7.40
C LEU B 252 -2.82 -3.96 6.59
N SER B 253 -1.80 -3.16 6.27
CA SER B 253 -0.69 -3.69 5.51
C SER B 253 0.31 -4.34 6.47
N TYR B 254 1.37 -4.92 5.90
CA TYR B 254 2.44 -5.55 6.67
C TYR B 254 3.09 -4.44 7.49
N ARG B 255 3.44 -3.35 6.81
CA ARG B 255 4.08 -2.21 7.44
C ARG B 255 3.24 -1.63 8.60
N GLU B 256 1.92 -1.58 8.43
CA GLU B 256 1.06 -1.04 9.48
C GLU B 256 0.99 -2.00 10.66
N GLY B 257 0.94 -3.30 10.36
CA GLY B 257 0.89 -4.28 11.44
C GLY B 257 2.14 -4.16 12.29
N LEU B 258 3.28 -3.94 11.65
CA LEU B 258 4.54 -3.79 12.35
C LEU B 258 4.63 -2.46 13.09
N TYR B 259 3.99 -1.42 12.54
CA TYR B 259 4.01 -0.13 13.21
C TYR B 259 3.16 -0.20 14.49
N ILE B 260 2.05 -0.93 14.40
CA ILE B 260 1.17 -1.07 15.55
C ILE B 260 1.93 -1.79 16.66
N THR B 261 2.55 -2.91 16.30
CA THR B 261 3.28 -3.68 17.29
C THR B 261 4.56 -3.00 17.78
N GLU B 262 5.19 -2.17 16.94
CA GLU B 262 6.39 -1.46 17.37
C GLU B 262 6.00 -0.42 18.42
N GLU B 263 4.92 0.31 18.17
CA GLU B 263 4.46 1.33 19.12
C GLU B 263 4.03 0.72 20.45
N ILE B 264 3.38 -0.44 20.41
CA ILE B 264 2.94 -1.08 21.63
C ILE B 264 4.17 -1.43 22.46
N TYR B 265 5.15 -2.07 21.83
CA TYR B 265 6.35 -2.44 22.52
C TYR B 265 7.01 -1.22 23.17
N LYS B 266 6.98 -0.09 22.49
CA LYS B 266 7.59 1.12 23.03
C LYS B 266 6.92 1.68 24.27
N THR B 267 5.72 1.23 24.62
CA THR B 267 5.08 1.74 25.83
C THR B 267 5.71 1.07 27.05
N GLY B 268 6.19 -0.16 26.85
CA GLY B 268 6.81 -0.89 27.95
C GLY B 268 5.78 -1.59 28.81
N LEU B 269 4.51 -1.36 28.49
CA LEU B 269 3.40 -1.93 29.26
C LEU B 269 2.80 -3.23 28.69
N LEU B 270 3.40 -3.79 27.65
CA LEU B 270 2.88 -5.03 27.05
C LEU B 270 2.96 -6.12 28.11
N SER B 271 1.83 -6.79 28.35
CA SER B 271 1.72 -7.83 29.36
C SER B 271 1.04 -9.12 28.89
N GLY B 272 0.10 -8.99 27.95
CA GLY B 272 -0.60 -10.16 27.44
C GLY B 272 -0.77 -10.08 25.92
N LEU B 273 -0.59 -11.21 25.23
CA LEU B 273 -0.70 -11.24 23.77
C LEU B 273 -1.32 -12.53 23.21
N ASP B 274 -2.17 -12.39 22.19
CA ASP B 274 -2.79 -13.53 21.52
C ASP B 274 -2.51 -13.40 20.01
N ILE B 275 -2.05 -14.48 19.40
CA ILE B 275 -1.79 -14.55 17.96
C ILE B 275 -2.77 -15.61 17.47
N MET B 276 -3.95 -15.16 17.05
CA MET B 276 -5.03 -16.05 16.65
C MET B 276 -5.42 -16.18 15.17
N GLU B 277 -6.25 -17.18 14.91
CA GLU B 277 -6.82 -17.51 13.62
C GLU B 277 -5.91 -17.94 12.47
N VAL B 278 -4.71 -18.42 12.77
CA VAL B 278 -3.83 -18.90 11.71
C VAL B 278 -4.25 -20.35 11.42
N ASN B 279 -4.87 -20.56 10.28
CA ASN B 279 -5.34 -21.89 9.87
C ASN B 279 -4.46 -22.38 8.72
N PRO B 280 -3.42 -23.17 9.03
CA PRO B 280 -2.51 -23.70 8.01
C PRO B 280 -3.10 -24.70 7.02
N THR B 281 -4.40 -24.98 7.12
CA THR B 281 -5.01 -25.91 6.20
C THR B 281 -5.83 -25.16 5.16
N LEU B 282 -6.21 -23.93 5.51
CA LEU B 282 -6.99 -23.09 4.61
C LEU B 282 -6.08 -22.42 3.58
N GLY B 283 -4.79 -22.74 3.65
CA GLY B 283 -3.87 -22.16 2.69
C GLY B 283 -4.09 -22.80 1.34
N LYS B 284 -4.46 -22.02 0.34
CA LYS B 284 -4.70 -22.56 -1.00
C LYS B 284 -3.42 -23.17 -1.58
N THR B 285 -2.26 -22.70 -1.09
CA THR B 285 -0.96 -23.21 -1.53
C THR B 285 -0.04 -23.17 -0.31
N PRO B 286 0.83 -24.19 -0.18
CA PRO B 286 1.76 -24.26 0.95
C PRO B 286 2.52 -22.96 1.25
N GLU B 287 2.81 -22.17 0.22
CA GLU B 287 3.53 -20.93 0.44
C GLU B 287 2.64 -19.91 1.15
N GLU B 288 1.33 -20.01 0.94
CA GLU B 288 0.42 -19.07 1.59
C GLU B 288 0.38 -19.35 3.08
N VAL B 289 0.71 -20.58 3.45
CA VAL B 289 0.75 -20.96 4.86
C VAL B 289 2.02 -20.37 5.47
N THR B 290 3.13 -20.50 4.77
CA THR B 290 4.40 -19.97 5.24
C THR B 290 4.31 -18.45 5.37
N ARG B 291 3.70 -17.84 4.36
CA ARG B 291 3.53 -16.40 4.29
C ARG B 291 2.75 -15.86 5.51
N THR B 292 1.66 -16.53 5.85
CA THR B 292 0.81 -16.14 6.98
C THR B 292 1.55 -16.40 8.29
N VAL B 293 2.19 -17.57 8.39
CA VAL B 293 2.94 -17.94 9.58
C VAL B 293 4.12 -17.00 9.84
N ASN B 294 4.86 -16.65 8.78
CA ASN B 294 6.00 -15.75 8.89
C ASN B 294 5.55 -14.33 9.28
N THR B 295 4.41 -13.90 8.76
CA THR B 295 3.85 -12.57 9.05
C THR B 295 3.48 -12.50 10.54
N ALA B 296 2.82 -13.54 11.03
CA ALA B 296 2.43 -13.60 12.43
C ALA B 296 3.70 -13.60 13.28
N VAL B 297 4.71 -14.38 12.86
CA VAL B 297 5.96 -14.44 13.60
C VAL B 297 6.64 -13.10 13.68
N ALA B 298 6.71 -12.40 12.54
CA ALA B 298 7.34 -11.10 12.50
C ALA B 298 6.62 -10.16 13.46
N LEU B 299 5.31 -10.27 13.50
CA LEU B 299 4.49 -9.43 14.37
C LEU B 299 4.86 -9.61 15.84
N THR B 300 4.97 -10.87 16.26
CA THR B 300 5.31 -11.23 17.64
C THR B 300 6.67 -10.69 18.06
N LEU B 301 7.68 -10.91 17.21
CA LEU B 301 9.02 -10.45 17.51
C LEU B 301 9.01 -8.94 17.70
N SER B 302 8.21 -8.27 16.89
CA SER B 302 8.07 -6.83 16.97
C SER B 302 7.51 -6.46 18.34
N CYS B 303 6.54 -7.23 18.83
CA CYS B 303 5.92 -6.98 20.13
C CYS B 303 6.92 -7.07 21.27
N PHE B 304 8.05 -7.70 21.00
CA PHE B 304 9.07 -7.86 22.01
C PHE B 304 10.39 -7.19 21.66
N GLY B 305 10.33 -6.09 20.93
CA GLY B 305 11.54 -5.34 20.62
C GLY B 305 12.11 -5.22 19.23
N THR B 306 11.95 -6.22 18.38
CA THR B 306 12.52 -6.14 17.04
C THR B 306 12.01 -4.91 16.28
N LYS B 307 12.93 -4.02 15.92
CA LYS B 307 12.57 -2.80 15.21
C LYS B 307 13.17 -2.82 13.81
N ARG B 308 12.43 -2.29 12.85
CA ARG B 308 12.91 -2.26 11.48
C ARG B 308 14.15 -1.40 11.30
N GLU B 309 14.39 -0.49 12.24
CA GLU B 309 15.59 0.34 12.17
C GLU B 309 16.82 -0.48 12.58
N GLY B 310 16.59 -1.58 13.30
CA GLY B 310 17.68 -2.44 13.74
C GLY B 310 17.75 -2.64 15.24
N ASN B 311 18.47 -3.69 15.65
CA ASN B 311 18.67 -4.05 17.05
C ASN B 311 20.12 -4.46 17.32
N HIS B 312 20.55 -4.30 18.58
CA HIS B 312 21.89 -4.71 19.01
C HIS B 312 21.94 -4.74 20.52
N LYS B 313 22.72 -5.67 21.07
CA LYS B 313 22.87 -5.82 22.51
C LYS B 313 23.33 -4.52 23.19
N LYS C 6 24.19 20.29 -16.21
CA LYS C 6 23.11 20.33 -17.23
C LYS C 6 23.09 19.06 -18.07
N PRO C 7 24.24 18.66 -18.63
CA PRO C 7 24.22 17.44 -19.43
C PRO C 7 24.23 16.22 -18.52
N ILE C 8 23.91 15.06 -19.08
CA ILE C 8 23.90 13.82 -18.31
C ILE C 8 24.77 12.77 -18.99
N GLU C 9 25.53 12.01 -18.20
CA GLU C 9 26.38 10.97 -18.75
C GLU C 9 26.14 9.61 -18.12
N ILE C 10 25.65 8.69 -18.93
CA ILE C 10 25.36 7.33 -18.47
C ILE C 10 26.64 6.50 -18.39
N ILE C 11 26.96 6.02 -17.20
CA ILE C 11 28.15 5.21 -16.99
C ILE C 11 27.71 3.79 -16.60
N GLY C 12 28.20 2.79 -17.32
CA GLY C 12 27.84 1.41 -17.04
C GLY C 12 28.81 0.69 -16.12
N ALA C 13 28.28 0.04 -15.08
CA ALA C 13 29.11 -0.68 -14.12
C ALA C 13 28.65 -2.12 -13.89
N PRO C 14 28.86 -3.01 -14.87
CA PRO C 14 28.45 -4.41 -14.72
C PRO C 14 29.43 -5.15 -13.82
N PHE C 15 29.35 -4.88 -12.51
CA PHE C 15 30.22 -5.51 -11.54
C PHE C 15 29.38 -6.29 -10.55
N SER C 16 29.79 -7.53 -10.26
CA SER C 16 29.02 -8.38 -9.36
C SER C 16 29.85 -9.03 -8.25
N LYS C 17 31.13 -8.69 -8.17
CA LYS C 17 31.99 -9.29 -7.17
C LYS C 17 31.66 -8.83 -5.76
N GLY C 18 30.72 -7.89 -5.64
CA GLY C 18 30.33 -7.39 -4.33
C GLY C 18 29.36 -8.32 -3.64
N GLN C 19 28.89 -9.31 -4.38
CA GLN C 19 27.94 -10.29 -3.85
C GLN C 19 28.05 -11.62 -4.61
N PRO C 20 27.63 -12.72 -3.97
CA PRO C 20 27.66 -14.08 -4.54
C PRO C 20 26.87 -14.28 -5.85
N ARG C 21 25.94 -13.39 -6.14
CA ARG C 21 25.14 -13.51 -7.37
C ARG C 21 25.73 -12.63 -8.46
N GLY C 22 25.83 -13.19 -9.67
CA GLY C 22 26.41 -12.45 -10.78
C GLY C 22 25.49 -11.92 -11.86
N GLY C 23 24.21 -12.28 -11.82
CA GLY C 23 23.30 -11.79 -12.83
C GLY C 23 23.23 -10.27 -12.82
N VAL C 24 23.58 -9.68 -11.67
CA VAL C 24 23.55 -8.24 -11.49
C VAL C 24 24.49 -7.52 -12.45
N GLU C 25 25.29 -8.30 -13.19
CA GLU C 25 26.23 -7.73 -14.16
C GLU C 25 25.47 -7.30 -15.39
N LYS C 26 24.41 -8.04 -15.69
CA LYS C 26 23.58 -7.77 -16.87
C LYS C 26 22.62 -6.61 -16.67
N GLY C 27 22.69 -5.97 -15.50
CA GLY C 27 21.83 -4.85 -15.20
C GLY C 27 21.84 -3.74 -16.22
N PRO C 28 23.01 -3.16 -16.53
CA PRO C 28 23.10 -2.08 -17.52
C PRO C 28 22.47 -2.41 -18.86
N ALA C 29 22.78 -3.60 -19.39
CA ALA C 29 22.24 -4.03 -20.68
C ALA C 29 20.70 -4.14 -20.64
N ALA C 30 20.18 -4.67 -19.54
CA ALA C 30 18.73 -4.81 -19.38
C ALA C 30 18.03 -3.46 -19.37
N LEU C 31 18.58 -2.53 -18.61
CA LEU C 31 18.01 -1.17 -18.53
C LEU C 31 18.13 -0.48 -19.88
N ARG C 32 19.28 -0.66 -20.53
CA ARG C 32 19.49 -0.06 -21.85
C ARG C 32 18.56 -0.68 -22.87
N LYS C 33 18.28 -1.96 -22.72
CA LYS C 33 17.39 -2.65 -23.65
C LYS C 33 15.96 -2.18 -23.45
N ALA C 34 15.67 -1.67 -22.26
CA ALA C 34 14.33 -1.18 -21.95
C ALA C 34 14.11 0.22 -22.53
N GLY C 35 15.19 0.80 -23.04
CA GLY C 35 15.10 2.12 -23.63
C GLY C 35 15.37 3.27 -22.69
N LEU C 36 16.10 2.99 -21.61
CA LEU C 36 16.43 4.02 -20.64
C LEU C 36 17.09 5.22 -21.33
N VAL C 37 18.12 4.96 -22.11
CA VAL C 37 18.85 6.00 -22.84
C VAL C 37 17.89 6.86 -23.68
N GLU C 38 17.15 6.20 -24.56
CA GLU C 38 16.20 6.88 -25.44
C GLU C 38 15.16 7.71 -24.68
N LYS C 39 14.71 7.21 -23.53
CA LYS C 39 13.71 7.94 -22.76
C LYS C 39 14.29 9.19 -22.10
N LEU C 40 15.51 9.08 -21.56
CA LEU C 40 16.17 10.23 -20.91
C LEU C 40 16.34 11.39 -21.88
N LYS C 41 16.53 11.10 -23.16
CA LYS C 41 16.70 12.15 -24.17
C LYS C 41 15.39 12.89 -24.43
N GLU C 42 14.27 12.25 -24.10
CA GLU C 42 12.96 12.87 -24.28
C GLU C 42 12.63 13.85 -23.16
N THR C 43 13.59 14.09 -22.26
CA THR C 43 13.41 15.03 -21.16
C THR C 43 13.99 16.39 -21.55
N GLU C 44 14.10 17.27 -20.56
CA GLU C 44 14.64 18.61 -20.77
C GLU C 44 16.16 18.55 -20.86
N TYR C 45 16.75 17.41 -20.47
CA TYR C 45 18.20 17.24 -20.48
C TYR C 45 18.75 16.58 -21.74
N ASN C 46 20.02 16.85 -22.01
CA ASN C 46 20.71 16.25 -23.14
C ASN C 46 21.39 15.04 -22.51
N VAL C 47 21.62 13.99 -23.28
CA VAL C 47 22.24 12.79 -22.74
C VAL C 47 23.44 12.26 -23.49
N ARG C 48 24.41 11.74 -22.73
CA ARG C 48 25.63 11.15 -23.27
C ARG C 48 25.81 9.77 -22.65
N ASP C 49 26.19 8.78 -23.45
CA ASP C 49 26.39 7.42 -22.97
C ASP C 49 27.88 7.09 -23.00
N HIS C 50 28.51 7.13 -21.83
CA HIS C 50 29.94 6.85 -21.72
C HIS C 50 30.26 5.39 -22.07
N GLY C 51 29.22 4.59 -22.28
CA GLY C 51 29.44 3.19 -22.58
C GLY C 51 29.76 2.45 -21.30
N ASP C 52 29.97 1.14 -21.39
CA ASP C 52 30.27 0.34 -20.20
C ASP C 52 31.74 0.26 -19.84
N LEU C 53 32.03 0.27 -18.54
CA LEU C 53 33.39 0.18 -18.05
C LEU C 53 33.89 -1.24 -18.22
N ALA C 54 35.21 -1.38 -18.35
CA ALA C 54 35.84 -2.69 -18.49
C ALA C 54 36.52 -3.03 -17.16
N PHE C 55 36.04 -4.08 -16.50
CA PHE C 55 36.62 -4.48 -15.22
C PHE C 55 37.63 -5.60 -15.36
N VAL C 56 38.91 -5.25 -15.24
CA VAL C 56 39.98 -6.24 -15.31
C VAL C 56 40.06 -6.89 -13.93
N ASP C 57 39.75 -8.18 -13.87
CA ASP C 57 39.74 -8.94 -12.61
C ASP C 57 41.12 -9.26 -12.05
N VAL C 58 41.31 -8.96 -10.76
CA VAL C 58 42.58 -9.20 -10.07
C VAL C 58 42.79 -10.68 -9.79
N PRO C 59 43.93 -11.23 -10.25
CA PRO C 59 44.31 -12.64 -10.07
C PRO C 59 44.20 -13.19 -8.65
N ASN C 60 45.33 -13.29 -7.96
CA ASN C 60 45.34 -13.81 -6.60
C ASN C 60 44.66 -12.87 -5.63
N ASP C 61 43.34 -12.90 -5.64
CA ASP C 61 42.55 -12.03 -4.78
C ASP C 61 42.14 -12.77 -3.52
N SER C 62 43.13 -13.13 -2.69
CA SER C 62 42.85 -13.83 -1.45
C SER C 62 41.94 -13.01 -0.54
N PRO C 63 40.97 -13.66 0.10
CA PRO C 63 40.03 -12.99 1.00
C PRO C 63 40.75 -12.34 2.16
N PHE C 64 40.34 -11.11 2.49
CA PHE C 64 40.94 -10.38 3.59
C PHE C 64 40.10 -10.69 4.84
N GLN C 65 40.49 -11.74 5.55
CA GLN C 65 39.79 -12.17 6.75
C GLN C 65 38.37 -12.60 6.35
N ILE C 66 37.43 -11.66 6.39
CA ILE C 66 36.04 -11.96 6.02
C ILE C 66 35.71 -11.46 4.61
N VAL C 67 36.10 -10.21 4.32
CA VAL C 67 35.86 -9.59 3.03
C VAL C 67 36.21 -10.48 1.83
N LYS C 68 35.30 -10.52 0.86
CA LYS C 68 35.51 -11.33 -0.36
C LYS C 68 35.90 -10.45 -1.55
N ASN C 69 36.80 -10.96 -2.38
CA ASN C 69 37.28 -10.25 -3.56
C ASN C 69 37.60 -8.79 -3.24
N PRO C 70 38.41 -8.56 -2.18
CA PRO C 70 38.77 -7.20 -1.79
C PRO C 70 39.56 -6.39 -2.80
N ARG C 71 40.39 -7.04 -3.60
CA ARG C 71 41.19 -6.32 -4.59
C ARG C 71 40.38 -6.03 -5.85
N SER C 72 39.68 -7.03 -6.36
CA SER C 72 38.88 -6.90 -7.57
C SER C 72 37.80 -5.81 -7.47
N VAL C 73 37.21 -5.67 -6.29
CA VAL C 73 36.18 -4.66 -6.07
C VAL C 73 36.81 -3.27 -5.88
N GLY C 74 37.89 -3.22 -5.11
CA GLY C 74 38.56 -1.96 -4.87
C GLY C 74 39.12 -1.36 -6.15
N LYS C 75 39.51 -2.23 -7.08
CA LYS C 75 40.09 -1.80 -8.36
C LYS C 75 39.01 -1.37 -9.34
N ALA C 76 37.90 -2.09 -9.37
CA ALA C 76 36.82 -1.73 -10.27
C ALA C 76 36.30 -0.35 -9.88
N ASN C 77 36.15 -0.14 -8.59
CA ASN C 77 35.67 1.14 -8.08
C ASN C 77 36.67 2.26 -8.30
N GLU C 78 37.96 1.94 -8.23
CA GLU C 78 38.99 2.94 -8.43
C GLU C 78 38.83 3.56 -9.81
N GLN C 79 38.39 2.75 -10.77
CA GLN C 79 38.17 3.23 -12.13
C GLN C 79 36.95 4.12 -12.11
N LEU C 80 35.83 3.54 -11.66
CA LEU C 80 34.56 4.24 -11.59
C LEU C 80 34.76 5.63 -11.02
N ALA C 81 35.47 5.72 -9.89
CA ALA C 81 35.74 7.00 -9.23
C ALA C 81 36.50 7.93 -10.17
N ALA C 82 37.33 7.36 -11.04
CA ALA C 82 38.10 8.15 -11.99
C ALA C 82 37.19 8.64 -13.10
N VAL C 83 36.33 7.74 -13.59
CA VAL C 83 35.40 8.07 -14.65
C VAL C 83 34.41 9.12 -14.14
N VAL C 84 33.84 8.87 -12.96
CA VAL C 84 32.88 9.79 -12.37
C VAL C 84 33.46 11.17 -12.10
N ALA C 85 34.70 11.21 -11.64
CA ALA C 85 35.36 12.48 -11.34
C ALA C 85 35.53 13.29 -12.62
N GLU C 86 35.70 12.57 -13.73
CA GLU C 86 35.88 13.19 -15.03
C GLU C 86 34.58 13.82 -15.56
N THR C 87 33.46 13.12 -15.47
CA THR C 87 32.20 13.68 -15.95
C THR C 87 31.76 14.85 -15.07
N GLN C 88 32.01 14.73 -13.77
CA GLN C 88 31.63 15.78 -12.81
C GLN C 88 32.33 17.09 -13.12
N LYS C 89 33.60 17.02 -13.50
CA LYS C 89 34.32 18.23 -13.84
C LYS C 89 33.83 18.75 -15.19
N ASN C 90 33.37 17.84 -16.05
CA ASN C 90 32.85 18.25 -17.35
C ASN C 90 31.54 18.98 -17.11
N GLY C 91 31.19 19.15 -15.84
CA GLY C 91 29.96 19.83 -15.48
C GLY C 91 28.72 19.08 -15.92
N THR C 92 28.69 17.78 -15.70
CA THR C 92 27.53 16.98 -16.09
C THR C 92 27.08 16.14 -14.92
N ILE C 93 25.83 15.69 -14.96
CA ILE C 93 25.30 14.84 -13.91
C ILE C 93 25.68 13.41 -14.23
N SER C 94 26.33 12.73 -13.29
CA SER C 94 26.73 11.35 -13.52
C SER C 94 25.64 10.39 -13.10
N VAL C 95 25.38 9.40 -13.94
CA VAL C 95 24.39 8.39 -13.61
C VAL C 95 25.00 7.02 -13.84
N VAL C 96 25.09 6.23 -12.77
CA VAL C 96 25.67 4.91 -12.89
C VAL C 96 24.66 3.77 -12.90
N LEU C 97 24.64 3.02 -14.00
CA LEU C 97 23.77 1.86 -14.15
C LEU C 97 24.70 0.74 -13.75
N GLY C 98 24.61 0.30 -12.51
CA GLY C 98 25.52 -0.74 -12.07
C GLY C 98 25.01 -2.13 -11.79
N GLY C 99 25.88 -2.86 -11.09
CA GLY C 99 25.60 -4.21 -10.67
C GLY C 99 25.34 -4.07 -9.18
N ASP C 100 26.17 -4.69 -8.35
CA ASP C 100 25.97 -4.60 -6.90
C ASP C 100 26.31 -3.22 -6.33
N HIS C 101 25.76 -2.95 -5.15
CA HIS C 101 25.94 -1.64 -4.53
C HIS C 101 27.32 -1.30 -4.00
N SER C 102 28.31 -2.18 -4.18
CA SER C 102 29.63 -1.84 -3.70
C SER C 102 30.21 -0.75 -4.61
N MET C 103 29.72 -0.68 -5.84
CA MET C 103 30.17 0.33 -6.79
C MET C 103 29.85 1.73 -6.29
N ALA C 104 29.05 1.83 -5.23
CA ALA C 104 28.70 3.12 -4.67
C ALA C 104 29.99 3.79 -4.23
N ILE C 105 30.98 2.96 -3.89
CA ILE C 105 32.28 3.44 -3.46
C ILE C 105 32.93 4.27 -4.57
N GLY C 106 33.01 3.70 -5.76
CA GLY C 106 33.62 4.41 -6.88
C GLY C 106 32.79 5.60 -7.34
N SER C 107 31.48 5.41 -7.42
CA SER C 107 30.60 6.50 -7.86
C SER C 107 30.67 7.69 -6.92
N ILE C 108 30.42 7.46 -5.64
CA ILE C 108 30.45 8.52 -4.65
C ILE C 108 31.84 9.13 -4.43
N SER C 109 32.89 8.29 -4.41
CA SER C 109 34.25 8.79 -4.22
C SER C 109 34.65 9.73 -5.35
N GLY C 110 34.47 9.28 -6.59
CA GLY C 110 34.81 10.09 -7.74
C GLY C 110 33.97 11.36 -7.80
N HIS C 111 32.70 11.25 -7.41
CA HIS C 111 31.78 12.37 -7.39
C HIS C 111 32.26 13.44 -6.39
N ALA C 112 32.53 13.01 -5.16
CA ALA C 112 33.00 13.93 -4.13
C ALA C 112 34.42 14.43 -4.42
N ARG C 113 35.17 13.64 -5.19
CA ARG C 113 36.53 13.99 -5.57
C ARG C 113 36.48 15.36 -6.26
N VAL C 114 35.34 15.63 -6.90
CA VAL C 114 35.13 16.91 -7.59
C VAL C 114 34.29 17.84 -6.71
N HIS C 115 33.23 17.28 -6.13
CA HIS C 115 32.33 18.04 -5.26
C HIS C 115 32.39 17.46 -3.84
N PRO C 116 33.37 17.92 -3.03
CA PRO C 116 33.55 17.47 -1.65
C PRO C 116 32.45 17.86 -0.67
N ASP C 117 31.64 18.86 -1.03
CA ASP C 117 30.56 19.32 -0.15
C ASP C 117 29.20 18.70 -0.50
N LEU C 118 29.21 17.53 -1.10
CA LEU C 118 27.97 16.87 -1.48
C LEU C 118 27.33 16.10 -0.33
N CYS C 119 26.01 15.90 -0.42
CA CYS C 119 25.28 15.15 0.58
C CYS C 119 24.81 13.86 -0.10
N VAL C 120 24.39 12.89 0.70
CA VAL C 120 23.95 11.63 0.15
C VAL C 120 22.59 11.19 0.66
N ILE C 121 21.72 10.79 -0.27
CA ILE C 121 20.41 10.26 0.09
C ILE C 121 20.55 8.81 -0.33
N TRP C 122 20.50 7.91 0.64
CA TRP C 122 20.67 6.49 0.41
C TRP C 122 19.34 5.75 0.55
N VAL C 123 18.75 5.37 -0.58
CA VAL C 123 17.47 4.63 -0.58
C VAL C 123 17.82 3.15 -0.59
N ASP C 124 17.48 2.48 0.50
CA ASP C 124 17.87 1.09 0.63
C ASP C 124 17.12 0.44 1.79
N ALA C 125 16.94 -0.87 1.69
CA ALA C 125 16.27 -1.62 2.76
C ALA C 125 17.35 -1.91 3.80
N HIS C 126 18.60 -1.74 3.38
CA HIS C 126 19.76 -1.97 4.23
C HIS C 126 20.64 -0.74 4.41
N THR C 127 21.49 -0.77 5.44
CA THR C 127 22.39 0.34 5.72
C THR C 127 23.71 0.21 4.96
N ASP C 128 24.05 -1.02 4.56
CA ASP C 128 25.28 -1.28 3.80
C ASP C 128 26.45 -0.62 4.48
N ILE C 129 26.44 -0.60 5.81
CA ILE C 129 27.49 0.07 6.54
C ILE C 129 28.27 -0.86 7.46
N ASN C 130 28.38 -2.12 7.04
CA ASN C 130 29.15 -3.10 7.79
C ASN C 130 30.62 -2.76 7.59
N THR C 131 31.42 -2.92 8.63
CA THR C 131 32.84 -2.68 8.48
C THR C 131 33.41 -4.08 8.25
N PRO C 132 34.57 -4.17 7.59
CA PRO C 132 35.14 -5.50 7.35
C PRO C 132 35.21 -6.35 8.62
N LEU C 133 35.05 -5.73 9.77
CA LEU C 133 35.09 -6.43 11.04
C LEU C 133 33.71 -6.85 11.53
N THR C 134 32.73 -5.95 11.42
CA THR C 134 31.37 -6.27 11.89
C THR C 134 30.64 -7.17 10.92
N ALA C 135 30.91 -7.01 9.63
CA ALA C 135 30.26 -7.82 8.59
C ALA C 135 30.45 -9.31 8.84
N SER C 136 29.40 -10.08 8.56
CA SER C 136 29.47 -11.52 8.76
C SER C 136 29.35 -12.24 7.42
N SER C 137 28.93 -11.52 6.38
CA SER C 137 28.77 -12.13 5.07
C SER C 137 30.01 -11.97 4.22
N GLY C 138 30.77 -10.89 4.47
CA GLY C 138 31.98 -10.64 3.71
C GLY C 138 31.73 -10.03 2.34
N ASN C 139 30.46 -9.85 1.98
CA ASN C 139 30.12 -9.27 0.70
C ASN C 139 30.17 -7.75 0.79
N LEU C 140 31.09 -7.15 0.04
CA LEU C 140 31.28 -5.70 0.06
C LEU C 140 30.08 -4.83 -0.33
N HIS C 141 29.09 -5.40 -1.01
CA HIS C 141 27.93 -4.60 -1.39
C HIS C 141 27.13 -4.24 -0.13
N GLY C 142 27.61 -4.72 1.02
CA GLY C 142 26.95 -4.44 2.27
C GLY C 142 27.84 -3.61 3.17
N GLN C 143 28.92 -3.08 2.60
CA GLN C 143 29.87 -2.27 3.36
C GLN C 143 30.23 -0.90 2.72
N PRO C 144 29.70 -0.59 1.52
CA PRO C 144 30.03 0.69 0.89
C PRO C 144 30.07 1.94 1.77
N VAL C 145 28.98 2.22 2.47
CA VAL C 145 28.93 3.40 3.33
C VAL C 145 30.07 3.37 4.37
N ALA C 146 30.53 2.17 4.70
CA ALA C 146 31.60 2.01 5.69
C ALA C 146 32.92 2.53 5.15
N PHE C 147 33.13 2.38 3.84
CA PHE C 147 34.36 2.84 3.22
C PHE C 147 34.28 4.30 2.79
N LEU C 148 33.13 4.94 3.02
CA LEU C 148 32.94 6.33 2.62
C LEU C 148 32.79 7.33 3.77
N LEU C 149 32.45 6.85 4.96
CA LEU C 149 32.28 7.73 6.12
C LEU C 149 33.55 8.04 6.89
N LYS C 150 33.82 9.33 7.08
CA LYS C 150 34.99 9.77 7.81
C LYS C 150 35.09 9.08 9.16
N GLU C 151 34.01 9.18 9.93
CA GLU C 151 33.95 8.59 11.27
C GLU C 151 34.35 7.12 11.35
N LEU C 152 34.25 6.39 10.24
CA LEU C 152 34.60 4.97 10.23
C LEU C 152 36.00 4.67 9.73
N LYS C 153 36.72 5.71 9.32
CA LYS C 153 38.09 5.55 8.83
C LYS C 153 38.98 5.15 9.99
N GLY C 154 39.97 4.30 9.73
CA GLY C 154 40.86 3.86 10.78
C GLY C 154 40.13 3.18 11.93
N LYS C 155 39.01 2.53 11.63
CA LYS C 155 38.23 1.83 12.66
C LYS C 155 38.16 0.35 12.30
N PHE C 156 38.90 -0.02 11.26
CA PHE C 156 38.99 -1.39 10.80
C PHE C 156 40.22 -1.52 9.91
N PRO C 157 40.95 -2.64 10.03
CA PRO C 157 42.15 -2.87 9.23
C PRO C 157 42.02 -2.42 7.79
N ASP C 158 42.99 -1.66 7.31
CA ASP C 158 42.96 -1.20 5.94
C ASP C 158 42.87 -2.40 5.01
N VAL C 159 41.75 -2.50 4.30
CA VAL C 159 41.53 -3.58 3.35
C VAL C 159 42.39 -3.35 2.12
N PRO C 160 42.90 -4.42 1.52
CA PRO C 160 43.73 -4.35 0.32
C PRO C 160 42.97 -3.84 -0.88
N GLY C 161 43.52 -2.85 -1.58
CA GLY C 161 42.86 -2.33 -2.75
C GLY C 161 41.98 -1.10 -2.56
N PHE C 162 41.77 -0.70 -1.31
CA PHE C 162 40.94 0.49 -1.06
C PHE C 162 41.75 1.65 -0.52
N SER C 163 43.07 1.57 -0.69
CA SER C 163 43.97 2.62 -0.24
C SER C 163 43.63 3.93 -0.90
N TRP C 164 43.25 3.87 -2.18
CA TRP C 164 42.90 5.04 -2.96
C TRP C 164 41.66 5.79 -2.48
N VAL C 165 40.81 5.12 -1.72
CA VAL C 165 39.58 5.74 -1.22
C VAL C 165 39.86 6.79 -0.17
N THR C 166 39.16 7.93 -0.27
CA THR C 166 39.31 9.00 0.70
C THR C 166 37.95 9.26 1.32
N PRO C 167 37.83 9.12 2.65
CA PRO C 167 36.57 9.35 3.36
C PRO C 167 35.99 10.74 3.06
N CYS C 168 35.00 10.76 2.17
CA CYS C 168 34.36 11.99 1.72
C CYS C 168 33.18 12.52 2.54
N ILE C 169 32.22 11.65 2.85
CA ILE C 169 31.06 12.11 3.63
C ILE C 169 31.21 11.84 5.12
N SER C 170 30.49 12.63 5.91
CA SER C 170 30.51 12.48 7.35
C SER C 170 29.12 11.97 7.78
N ALA C 171 28.88 11.92 9.09
CA ALA C 171 27.61 11.44 9.62
C ALA C 171 26.43 12.39 9.44
N LYS C 172 26.73 13.66 9.17
CA LYS C 172 25.68 14.65 8.99
C LYS C 172 25.42 15.01 7.53
N ASP C 173 25.94 14.19 6.61
CA ASP C 173 25.78 14.44 5.19
C ASP C 173 25.12 13.29 4.43
N ILE C 174 24.60 12.31 5.17
CA ILE C 174 23.93 11.19 4.54
C ILE C 174 22.58 10.94 5.22
N VAL C 175 21.58 10.63 4.41
CA VAL C 175 20.25 10.34 4.94
C VAL C 175 19.77 9.03 4.34
N TYR C 176 19.43 8.08 5.21
CA TYR C 176 18.95 6.77 4.77
C TYR C 176 17.43 6.79 4.65
N ILE C 177 16.89 6.14 3.63
CA ILE C 177 15.45 6.07 3.46
C ILE C 177 15.01 4.67 3.03
N GLY C 178 14.17 4.03 3.85
CA GLY C 178 13.68 2.71 3.53
C GLY C 178 14.13 1.55 4.41
N LEU C 179 15.03 1.82 5.36
CA LEU C 179 15.57 0.79 6.25
C LEU C 179 14.58 -0.17 6.89
N ARG C 180 14.86 -1.46 6.79
CA ARG C 180 14.01 -2.49 7.37
C ARG C 180 14.77 -3.79 7.75
N ASP C 181 16.04 -3.90 7.37
CA ASP C 181 16.85 -5.07 7.72
C ASP C 181 18.29 -4.64 7.99
N VAL C 182 18.55 -4.23 9.22
CA VAL C 182 19.86 -3.74 9.65
C VAL C 182 20.47 -4.71 10.66
N ASP C 183 21.66 -5.22 10.35
CA ASP C 183 22.33 -6.15 11.27
C ASP C 183 22.68 -5.42 12.55
N PRO C 184 22.91 -6.17 13.64
CA PRO C 184 23.26 -5.61 14.96
C PRO C 184 24.43 -4.62 14.95
N GLY C 185 25.57 -5.02 14.39
CA GLY C 185 26.72 -4.13 14.34
C GLY C 185 26.44 -2.85 13.58
N GLU C 186 25.56 -2.93 12.59
CA GLU C 186 25.20 -1.76 11.79
C GLU C 186 24.31 -0.82 12.60
N HIS C 187 23.32 -1.37 13.29
CA HIS C 187 22.44 -0.55 14.09
C HIS C 187 23.25 0.18 15.17
N TYR C 188 24.27 -0.50 15.67
CA TYR C 188 25.13 0.07 16.71
C TYR C 188 25.85 1.29 16.15
N ILE C 189 26.47 1.13 14.99
CA ILE C 189 27.20 2.20 14.33
C ILE C 189 26.33 3.41 13.98
N ILE C 190 25.21 3.16 13.30
CA ILE C 190 24.33 4.26 12.90
C ILE C 190 23.89 5.10 14.08
N LYS C 191 23.56 4.46 15.18
CA LYS C 191 23.13 5.18 16.36
C LYS C 191 24.29 5.80 17.13
N THR C 192 25.38 5.05 17.30
CA THR C 192 26.54 5.59 18.01
C THR C 192 27.04 6.83 17.26
N LEU C 193 27.04 6.74 15.93
CA LEU C 193 27.50 7.83 15.09
C LEU C 193 26.44 8.93 14.89
N GLY C 194 25.19 8.65 15.25
CA GLY C 194 24.15 9.64 15.10
C GLY C 194 23.76 9.91 13.65
N ILE C 195 23.86 8.87 12.83
CA ILE C 195 23.50 9.00 11.42
C ILE C 195 22.01 9.25 11.29
N LYS C 196 21.64 10.11 10.35
CA LYS C 196 20.24 10.44 10.12
C LYS C 196 19.61 9.44 9.14
N TYR C 197 18.49 8.85 9.54
CA TYR C 197 17.82 7.86 8.71
C TYR C 197 16.31 7.90 8.91
N PHE C 198 15.58 7.33 7.96
CA PHE C 198 14.12 7.24 8.04
C PHE C 198 13.80 5.80 7.67
N SER C 199 13.75 4.92 8.67
CA SER C 199 13.44 3.53 8.38
C SER C 199 11.99 3.45 7.93
N MET C 200 11.50 2.23 7.67
CA MET C 200 10.11 2.08 7.25
C MET C 200 9.19 2.51 8.38
N THR C 201 9.68 2.41 9.60
CA THR C 201 8.92 2.82 10.78
C THR C 201 8.65 4.31 10.70
N GLU C 202 9.67 5.08 10.35
CA GLU C 202 9.51 6.52 10.24
C GLU C 202 8.68 6.92 9.02
N VAL C 203 8.77 6.13 7.95
CA VAL C 203 8.00 6.41 6.72
C VAL C 203 6.53 6.18 7.01
N ASP C 204 6.24 5.12 7.76
CA ASP C 204 4.87 4.75 8.11
C ASP C 204 4.20 5.80 8.98
N LYS C 205 4.98 6.35 9.91
CA LYS C 205 4.47 7.32 10.84
C LYS C 205 4.30 8.70 10.26
N LEU C 206 5.37 9.25 9.71
CA LEU C 206 5.34 10.59 9.14
C LEU C 206 4.68 10.67 7.78
N GLY C 207 4.92 9.66 6.94
CA GLY C 207 4.38 9.68 5.60
C GLY C 207 5.50 10.17 4.71
N ILE C 208 5.64 9.58 3.53
CA ILE C 208 6.73 9.95 2.63
C ILE C 208 6.85 11.45 2.38
N GLY C 209 5.72 12.16 2.40
CA GLY C 209 5.74 13.59 2.16
C GLY C 209 6.53 14.36 3.20
N LYS C 210 6.27 14.07 4.47
CA LYS C 210 7.00 14.72 5.54
C LYS C 210 8.44 14.21 5.59
N VAL C 211 8.61 12.93 5.23
CA VAL C 211 9.94 12.34 5.22
C VAL C 211 10.88 13.12 4.29
N MET C 212 10.45 13.43 3.06
CA MET C 212 11.31 14.15 2.13
C MET C 212 11.57 15.57 2.61
N GLU C 213 10.56 16.17 3.22
CA GLU C 213 10.64 17.53 3.73
C GLU C 213 11.71 17.62 4.82
N GLU C 214 11.82 16.56 5.63
CA GLU C 214 12.81 16.55 6.70
C GLU C 214 14.21 16.21 6.22
N THR C 215 14.37 15.36 5.20
CA THR C 215 15.72 15.03 4.76
C THR C 215 16.31 16.30 4.13
N PHE C 216 15.52 16.98 3.31
CA PHE C 216 15.97 18.20 2.66
C PHE C 216 16.32 19.27 3.70
N SER C 217 15.57 19.28 4.80
CA SER C 217 15.80 20.24 5.87
C SER C 217 17.12 19.94 6.58
N TYR C 218 17.40 18.66 6.76
CA TYR C 218 18.61 18.21 7.43
C TYR C 218 19.85 18.47 6.58
N LEU C 219 19.85 17.90 5.37
CA LEU C 219 20.98 18.02 4.46
C LEU C 219 21.21 19.40 3.83
N LEU C 220 20.16 20.16 3.57
CA LEU C 220 20.32 21.46 2.92
C LEU C 220 19.92 22.67 3.77
N GLY C 221 20.00 22.55 5.09
CA GLY C 221 19.63 23.64 5.97
C GLY C 221 20.60 24.81 5.98
N ARG C 222 21.87 24.51 6.15
CA ARG C 222 22.89 25.56 6.17
C ARG C 222 23.09 26.16 4.79
N LYS C 223 22.84 25.35 3.75
CA LYS C 223 22.99 25.80 2.38
C LYS C 223 22.72 24.71 1.35
N LYS C 224 22.34 25.14 0.16
CA LYS C 224 22.06 24.24 -0.94
C LYS C 224 23.39 23.71 -1.46
N ARG C 225 23.44 22.40 -1.68
CA ARG C 225 24.66 21.77 -2.17
C ARG C 225 24.35 20.56 -3.04
N PRO C 226 25.35 20.06 -3.78
CA PRO C 226 25.15 18.90 -4.65
C PRO C 226 24.57 17.68 -3.94
N ILE C 227 23.63 17.02 -4.62
CA ILE C 227 22.97 15.85 -4.09
C ILE C 227 23.38 14.60 -4.84
N HIS C 228 23.70 13.56 -4.09
CA HIS C 228 24.04 12.29 -4.70
C HIS C 228 22.92 11.35 -4.26
N LEU C 229 22.21 10.75 -5.22
CA LEU C 229 21.14 9.82 -4.88
C LEU C 229 21.60 8.43 -5.23
N SER C 230 21.80 7.59 -4.22
CA SER C 230 22.21 6.21 -4.45
C SER C 230 20.97 5.34 -4.25
N PHE C 231 20.46 4.79 -5.34
CA PHE C 231 19.23 4.00 -5.25
C PHE C 231 19.39 2.49 -5.37
N ASP C 232 19.20 1.78 -4.26
CA ASP C 232 19.26 0.33 -4.27
C ASP C 232 17.83 -0.06 -4.60
N VAL C 233 17.64 -0.74 -5.70
CA VAL C 233 16.31 -1.12 -6.09
C VAL C 233 15.57 -1.96 -5.04
N ASP C 234 16.29 -2.59 -4.10
CA ASP C 234 15.59 -3.38 -3.09
C ASP C 234 14.93 -2.52 -2.02
N GLY C 235 15.08 -1.19 -2.17
CA GLY C 235 14.47 -0.27 -1.23
C GLY C 235 12.95 -0.34 -1.40
N LEU C 236 12.49 -0.58 -2.64
CA LEU C 236 11.05 -0.71 -2.88
C LEU C 236 10.68 -2.16 -2.55
N ASP C 237 9.45 -2.35 -2.09
CA ASP C 237 8.98 -3.68 -1.75
C ASP C 237 9.15 -4.66 -2.93
N PRO C 238 9.45 -5.92 -2.63
CA PRO C 238 9.65 -7.00 -3.60
C PRO C 238 8.51 -7.12 -4.62
N VAL C 239 7.34 -6.61 -4.28
CA VAL C 239 6.22 -6.68 -5.20
C VAL C 239 6.52 -5.83 -6.42
N PHE C 240 7.35 -4.80 -6.24
CA PHE C 240 7.70 -3.89 -7.33
C PHE C 240 9.06 -4.12 -7.95
N THR C 241 9.99 -4.62 -7.15
CA THR C 241 11.35 -4.85 -7.64
C THR C 241 11.84 -6.23 -7.21
N PRO C 242 11.13 -7.29 -7.63
CA PRO C 242 11.48 -8.67 -7.30
C PRO C 242 12.83 -9.17 -7.81
N ALA C 243 13.25 -8.70 -8.99
CA ALA C 243 14.52 -9.15 -9.55
C ALA C 243 15.71 -8.44 -8.92
N THR C 244 15.95 -8.73 -7.64
CA THR C 244 17.06 -8.13 -6.91
C THR C 244 17.66 -9.15 -5.96
N GLY C 245 18.91 -8.94 -5.57
CA GLY C 245 19.61 -9.86 -4.71
C GLY C 245 19.11 -10.12 -3.30
N THR C 246 18.91 -9.07 -2.51
CA THR C 246 18.48 -9.24 -1.14
C THR C 246 17.15 -8.55 -0.84
N PRO C 247 16.03 -9.14 -1.30
CA PRO C 247 14.67 -8.61 -1.10
C PRO C 247 14.11 -8.78 0.31
N VAL C 248 13.46 -7.74 0.81
CA VAL C 248 12.85 -7.77 2.14
C VAL C 248 11.40 -7.25 2.08
N VAL C 249 10.47 -8.00 2.63
CA VAL C 249 9.06 -7.61 2.63
C VAL C 249 8.84 -6.26 3.33
N GLY C 250 7.74 -5.60 2.98
CA GLY C 250 7.38 -4.34 3.61
C GLY C 250 8.18 -3.11 3.28
N GLY C 251 8.57 -2.96 2.02
CA GLY C 251 9.35 -1.80 1.65
C GLY C 251 8.55 -0.66 1.05
N LEU C 252 9.30 0.38 0.65
CA LEU C 252 8.70 1.54 0.01
C LEU C 252 7.86 1.06 -1.17
N SER C 253 6.77 1.78 -1.45
CA SER C 253 5.90 1.43 -2.56
C SER C 253 6.38 2.14 -3.83
N TYR C 254 5.84 1.72 -4.96
CA TYR C 254 6.20 2.31 -6.23
C TYR C 254 5.94 3.83 -6.16
N ARG C 255 4.78 4.21 -5.65
CA ARG C 255 4.40 5.61 -5.52
C ARG C 255 5.35 6.40 -4.62
N GLU C 256 5.74 5.82 -3.50
CA GLU C 256 6.68 6.49 -2.59
C GLU C 256 8.03 6.62 -3.26
N GLY C 257 8.42 5.60 -4.02
CA GLY C 257 9.70 5.64 -4.71
C GLY C 257 9.75 6.77 -5.72
N LEU C 258 8.66 6.96 -6.46
CA LEU C 258 8.58 8.03 -7.45
C LEU C 258 8.51 9.37 -6.73
N TYR C 259 7.86 9.40 -5.58
CA TYR C 259 7.73 10.64 -4.82
C TYR C 259 9.11 11.18 -4.45
N ILE C 260 9.98 10.30 -3.97
CA ILE C 260 11.33 10.66 -3.57
C ILE C 260 12.11 11.27 -4.73
N THR C 261 12.08 10.59 -5.87
CA THR C 261 12.78 11.03 -7.07
C THR C 261 12.20 12.33 -7.63
N GLU C 262 10.89 12.50 -7.52
CA GLU C 262 10.25 13.71 -8.03
C GLU C 262 10.70 14.90 -7.20
N GLU C 263 10.71 14.70 -5.88
CA GLU C 263 11.13 15.75 -4.96
C GLU C 263 12.58 16.15 -5.17
N ILE C 264 13.45 15.15 -5.38
CA ILE C 264 14.86 15.43 -5.60
C ILE C 264 15.04 16.19 -6.91
N TYR C 265 14.24 15.86 -7.93
CA TYR C 265 14.35 16.58 -9.19
C TYR C 265 13.93 18.04 -8.95
N LYS C 266 12.93 18.23 -8.10
CA LYS C 266 12.42 19.56 -7.80
C LYS C 266 13.42 20.46 -7.10
N THR C 267 14.48 19.88 -6.55
CA THR C 267 15.49 20.68 -5.87
C THR C 267 16.40 21.32 -6.89
N GLY C 268 16.68 20.59 -7.97
CA GLY C 268 17.56 21.07 -9.02
C GLY C 268 19.01 20.89 -8.58
N LEU C 269 19.21 20.02 -7.59
CA LEU C 269 20.56 19.77 -7.06
C LEU C 269 21.13 18.40 -7.38
N LEU C 270 20.33 17.53 -7.98
CA LEU C 270 20.84 16.21 -8.31
C LEU C 270 22.14 16.34 -9.08
N SER C 271 23.21 15.75 -8.54
CA SER C 271 24.52 15.82 -9.18
C SER C 271 25.03 14.43 -9.53
N GLY C 272 24.74 13.46 -8.67
CA GLY C 272 25.18 12.09 -8.89
C GLY C 272 24.02 11.13 -8.68
N LEU C 273 24.01 10.02 -9.41
CA LEU C 273 22.91 9.06 -9.28
C LEU C 273 23.38 7.62 -9.44
N ASP C 274 22.88 6.75 -8.58
CA ASP C 274 23.21 5.33 -8.66
C ASP C 274 21.90 4.56 -8.69
N ILE C 275 21.80 3.61 -9.60
CA ILE C 275 20.63 2.74 -9.72
C ILE C 275 21.27 1.36 -9.68
N MET C 276 21.29 0.76 -8.50
CA MET C 276 21.95 -0.52 -8.28
C MET C 276 21.11 -1.74 -7.92
N GLU C 277 21.81 -2.88 -7.96
CA GLU C 277 21.28 -4.18 -7.59
C GLU C 277 20.14 -4.71 -8.44
N VAL C 278 20.01 -4.20 -9.66
CA VAL C 278 19.00 -4.69 -10.58
C VAL C 278 19.61 -5.96 -11.18
N ASN C 279 19.00 -7.10 -10.91
CA ASN C 279 19.50 -8.37 -11.45
C ASN C 279 18.40 -9.18 -12.12
N PRO C 280 18.33 -9.13 -13.46
CA PRO C 280 17.33 -9.86 -14.24
C PRO C 280 17.34 -11.38 -14.05
N THR C 281 18.53 -11.95 -13.90
CA THR C 281 18.62 -13.40 -13.71
C THR C 281 17.84 -13.85 -12.48
N LEU C 282 17.46 -12.90 -11.63
CA LEU C 282 16.72 -13.21 -10.41
C LEU C 282 15.22 -13.00 -10.55
N GLY C 283 14.73 -12.92 -11.77
CA GLY C 283 13.31 -12.76 -11.97
C GLY C 283 12.68 -14.15 -12.06
N LYS C 284 11.78 -14.47 -11.14
CA LYS C 284 11.12 -15.78 -11.13
C LYS C 284 10.35 -16.02 -12.44
N THR C 285 9.88 -14.93 -13.05
CA THR C 285 9.16 -14.99 -14.32
C THR C 285 9.52 -13.73 -15.11
N PRO C 286 9.64 -13.84 -16.44
CA PRO C 286 9.97 -12.69 -17.28
C PRO C 286 9.28 -11.40 -16.83
N GLU C 287 8.01 -11.50 -16.47
CA GLU C 287 7.24 -10.34 -16.04
C GLU C 287 7.77 -9.74 -14.74
N GLU C 288 8.61 -10.49 -14.03
CA GLU C 288 9.18 -9.99 -12.79
C GLU C 288 10.41 -9.14 -13.14
N VAL C 289 11.14 -9.57 -14.17
CA VAL C 289 12.31 -8.83 -14.61
C VAL C 289 11.86 -7.56 -15.30
N THR C 290 10.82 -7.68 -16.13
CA THR C 290 10.27 -6.53 -16.85
C THR C 290 9.71 -5.51 -15.87
N ARG C 291 9.10 -6.00 -14.80
CA ARG C 291 8.52 -5.16 -13.76
C ARG C 291 9.63 -4.41 -13.01
N THR C 292 10.65 -5.16 -12.60
CA THR C 292 11.78 -4.59 -11.87
C THR C 292 12.47 -3.54 -12.72
N VAL C 293 12.80 -3.90 -13.96
CA VAL C 293 13.48 -3.00 -14.88
C VAL C 293 12.72 -1.71 -15.16
N ASN C 294 11.45 -1.83 -15.52
CA ASN C 294 10.62 -0.67 -15.80
C ASN C 294 10.55 0.31 -14.62
N THR C 295 10.51 -0.21 -13.40
CA THR C 295 10.45 0.64 -12.21
C THR C 295 11.77 1.38 -12.07
N ALA C 296 12.86 0.70 -12.40
CA ALA C 296 14.18 1.31 -12.31
C ALA C 296 14.30 2.44 -13.35
N VAL C 297 13.75 2.22 -14.53
CA VAL C 297 13.82 3.23 -15.57
C VAL C 297 12.89 4.37 -15.17
N ALA C 298 11.71 4.02 -14.67
CA ALA C 298 10.73 5.01 -14.25
C ALA C 298 11.29 5.90 -13.16
N LEU C 299 12.04 5.31 -12.23
CA LEU C 299 12.64 6.07 -11.14
C LEU C 299 13.70 7.05 -11.69
N THR C 300 14.46 6.61 -12.69
CA THR C 300 15.49 7.45 -13.28
C THR C 300 14.88 8.65 -14.03
N LEU C 301 13.91 8.39 -14.90
CA LEU C 301 13.28 9.49 -15.64
C LEU C 301 12.71 10.53 -14.68
N SER C 302 12.11 10.06 -13.59
CA SER C 302 11.54 10.93 -12.57
C SER C 302 12.61 11.84 -12.01
N CYS C 303 13.81 11.29 -11.81
CA CYS C 303 14.91 12.08 -11.27
C CYS C 303 15.22 13.23 -12.20
N PHE C 304 14.90 13.05 -13.48
CA PHE C 304 15.19 14.08 -14.45
C PHE C 304 13.99 14.79 -15.06
N GLY C 305 12.95 15.02 -14.26
CA GLY C 305 11.80 15.76 -14.75
C GLY C 305 10.46 15.10 -14.99
N THR C 306 10.45 13.85 -15.45
CA THR C 306 9.17 13.18 -15.71
C THR C 306 8.30 13.26 -14.48
N LYS C 307 7.12 13.86 -14.60
CA LYS C 307 6.19 14.00 -13.49
C LYS C 307 4.89 13.25 -13.74
N ARG C 308 4.33 12.69 -12.67
CA ARG C 308 3.08 11.94 -12.76
C ARG C 308 1.88 12.79 -13.15
N GLU C 309 1.93 14.09 -12.83
CA GLU C 309 0.85 14.99 -13.21
C GLU C 309 0.91 15.18 -14.72
N GLY C 310 2.07 14.91 -15.30
CA GLY C 310 2.25 15.07 -16.74
C GLY C 310 3.37 16.04 -17.10
N ASN C 311 3.79 16.02 -18.36
CA ASN C 311 4.84 16.90 -18.86
C ASN C 311 4.47 17.37 -20.28
N HIS C 312 4.92 18.56 -20.64
CA HIS C 312 4.70 19.11 -21.97
C HIS C 312 5.85 20.07 -22.28
N LYS C 313 6.17 20.24 -23.56
CA LYS C 313 7.27 21.13 -23.94
C LYS C 313 6.89 22.60 -23.98
MN MN D . -11.20 7.46 -18.27
MN MN E . -8.29 5.94 -17.55
OXT S2C F . -5.46 7.80 -25.85
N S2C F . -4.40 10.11 -23.17
CA S2C F . -4.59 8.78 -23.81
C S2C F . -5.26 8.96 -25.21
O S2C F . -5.59 10.07 -25.74
CB S2C F . -5.41 8.03 -22.73
SG S2C F . -6.58 6.85 -23.38
CD S2C F . -7.23 6.30 -21.78
CE S2C F . -8.71 6.66 -21.70
B S2C F . -9.44 6.28 -20.38
O1 S2C F . -9.04 7.10 -19.27
O2 S2C F . -10.85 6.44 -20.56
O3 S2C F . -9.22 4.88 -20.00
MN MN G . -11.24 -12.22 15.68
MN MN H . -11.40 -11.67 12.46
OXT S2C I . -19.60 -14.90 12.65
N S2C I . -19.54 -11.21 12.68
CA S2C I . -19.14 -12.56 12.21
C S2C I . -19.90 -13.66 13.04
O S2C I . -20.72 -13.46 13.98
CB S2C I . -17.61 -12.51 12.38
SG S2C I . -16.81 -14.09 12.15
CD S2C I . -15.13 -13.54 12.42
CE S2C I . -14.56 -14.15 13.70
B S2C I . -13.10 -13.72 14.03
O1 S2C I . -12.95 -12.31 14.19
O2 S2C I . -12.67 -14.33 15.26
O3 S2C I . -12.13 -14.14 12.99
MN MN J . 22.49 -1.42 -1.04
MN MN K . 19.78 -3.38 -0.23
OXT S2C L . 25.50 -8.88 3.60
N S2C L . 23.95 -6.58 6.02
CA S2C L . 23.97 -7.53 4.89
C S2C L . 25.43 -8.01 4.61
O S2C L . 26.47 -7.64 5.23
CB S2C L . 23.27 -6.74 3.78
SG S2C L . 23.54 -7.44 2.15
CD S2C L . 22.57 -6.26 1.24
CE S2C L . 23.49 -5.42 0.40
B S2C L . 22.76 -4.36 -0.47
O1 S2C L . 22.01 -3.41 0.32
O2 S2C L . 23.72 -3.64 -1.25
O3 S2C L . 21.82 -4.99 -1.41
#